data_7P3G
#
_entry.id   7P3G
#
_cell.length_a   87.270
_cell.length_b   89.310
_cell.length_c   98.680
_cell.angle_alpha   90.000
_cell.angle_beta   90.000
_cell.angle_gamma   90.000
#
_symmetry.space_group_name_H-M   'P 21 21 21'
#
loop_
_entity.id
_entity.type
_entity.pdbx_description
1 polymer 'Polycomb protein EED'
2 non-polymer N-(2,3-dihydro-1-benzofuran-4-ylmethyl)-8-(4-methylsulfonylphenyl)-[1,2,4]triazolo[4,3-c]pyrimidin-5-amine
3 non-polymer N5-[(5-fluoranyl-2,3-dihydro-1-benzofuran-4-yl)methyl]-N8-methyl-N8-(1-methylpyrazol-3-yl)-[1,2,4]triazolo[4,3-c]pyrimidine-5,8-diamine
4 water water
#
_entity_poly.entity_id   1
_entity_poly.type   'polypeptide(L)'
_entity_poly.pdbx_seq_one_letter_code
;KKCKYSFKCVNSLKEDHNQPLFGVQFNWHSKEGDPLVFATVGSNRVTLYECHSQGEIRLLQSYVDADADENFYTCAWTYD
SNTSHPLLAVAGSRGIIRIINPITMQCIKHYVGHGNAINELKFHPRDPNLLLSVSKDHALRLWNIQTDTLVAIFGGVEGH
RDEVLSADYDLLGEKIMSCGMDHSLKLWRINSKRMMNAIKESYDYNPNKTNRPFISQKIHFPDFSTRDIHRNYVDCVRWL
GDLILSKSCENAIVCWKPGKMEDDIDKIKPSESNVTILGRFDYSQCDIWYMRFSMDFWQKMLALGNQVGKLYVWDLEVED
PHKAKCTTLTHHKCGAAIRQTSFSRDSSILIAVCDDASIWRWDRLR
;
_entity_poly.pdbx_strand_id   A,B
#
# COMPACT_ATOMS: atom_id res chain seq x y z
N PHE A 7 -22.49 3.52 -13.67
CA PHE A 7 -22.40 4.86 -13.10
C PHE A 7 -21.47 5.76 -13.88
N LYS A 8 -21.85 7.05 -14.04
CA LYS A 8 -21.06 8.09 -14.70
C LYS A 8 -20.90 9.25 -13.72
N CYS A 9 -19.68 9.84 -13.64
CA CYS A 9 -19.42 10.98 -12.74
C CYS A 9 -20.01 12.23 -13.37
N VAL A 10 -21.00 12.82 -12.69
CA VAL A 10 -21.73 13.99 -13.16
C VAL A 10 -21.32 15.29 -12.46
N ASN A 11 -20.75 15.22 -11.23
CA ASN A 11 -20.33 16.41 -10.48
C ASN A 11 -19.36 16.12 -9.35
N SER A 12 -18.68 17.20 -8.87
CA SER A 12 -17.74 17.20 -7.76
C SER A 12 -17.60 18.59 -7.14
N LEU A 13 -17.37 18.64 -5.81
CA LEU A 13 -17.16 19.91 -5.09
C LEU A 13 -16.24 19.76 -3.86
N LYS A 14 -15.64 20.85 -3.42
CA LYS A 14 -14.75 20.85 -2.26
C LYS A 14 -15.29 21.75 -1.15
N GLU A 15 -15.25 21.26 0.09
CA GLU A 15 -15.70 22.00 1.28
C GLU A 15 -14.54 22.91 1.72
N ASP A 16 -14.85 24.17 2.07
CA ASP A 16 -13.85 25.20 2.41
C ASP A 16 -12.92 24.90 3.61
N HIS A 17 -13.34 24.04 4.55
CA HIS A 17 -12.53 23.70 5.74
C HIS A 17 -11.24 22.92 5.40
N ASN A 18 -11.20 22.24 4.23
CA ASN A 18 -10.09 21.44 3.67
C ASN A 18 -9.60 20.30 4.60
N GLN A 19 -10.49 19.84 5.48
CA GLN A 19 -10.24 18.75 6.43
C GLN A 19 -10.88 17.46 5.91
N PRO A 20 -10.38 16.27 6.30
CA PRO A 20 -11.04 15.03 5.85
C PRO A 20 -12.54 14.93 6.19
N LEU A 21 -13.32 14.35 5.25
CA LEU A 21 -14.74 14.07 5.43
C LEU A 21 -14.84 12.57 5.80
N PHE A 22 -15.37 12.25 7.01
CA PHE A 22 -15.40 10.88 7.54
C PHE A 22 -16.74 10.17 7.40
N GLY A 23 -17.78 10.94 7.16
CA GLY A 23 -19.12 10.38 6.99
C GLY A 23 -19.98 11.05 5.95
N VAL A 24 -20.83 10.25 5.30
CA VAL A 24 -21.84 10.65 4.34
C VAL A 24 -23.08 9.73 4.46
N GLN A 25 -24.27 10.34 4.54
CA GLN A 25 -25.54 9.62 4.65
C GLN A 25 -26.66 10.32 3.89
N PHE A 26 -27.28 9.63 2.91
CA PHE A 26 -28.49 10.13 2.24
C PHE A 26 -29.64 9.94 3.20
N ASN A 27 -30.69 10.78 3.13
CA ASN A 27 -31.88 10.66 3.97
C ASN A 27 -32.83 9.69 3.27
N TRP A 28 -33.06 8.52 3.86
CA TRP A 28 -33.95 7.52 3.24
C TRP A 28 -35.40 7.65 3.69
N HIS A 29 -35.67 8.53 4.64
CA HIS A 29 -37.02 8.78 5.18
C HIS A 29 -37.86 9.81 4.37
N SER A 30 -37.40 10.28 3.19
CA SER A 30 -38.15 11.24 2.35
C SER A 30 -39.03 10.55 1.28
N LYS A 31 -40.27 11.07 1.03
CA LYS A 31 -41.25 10.51 0.06
C LYS A 31 -40.76 10.60 -1.39
N GLU A 32 -41.40 9.84 -2.33
CA GLU A 32 -41.04 9.88 -3.76
C GLU A 32 -41.49 11.20 -4.39
N GLY A 33 -40.56 11.89 -5.05
CA GLY A 33 -40.80 13.20 -5.65
C GLY A 33 -40.47 14.36 -4.73
N ASP A 34 -39.96 14.04 -3.51
CA ASP A 34 -39.54 15.02 -2.50
C ASP A 34 -38.02 15.25 -2.65
N PRO A 35 -37.46 16.35 -2.07
CA PRO A 35 -36.01 16.61 -2.23
C PRO A 35 -35.04 15.50 -1.79
N LEU A 36 -34.09 15.15 -2.69
CA LEU A 36 -33.03 14.15 -2.44
C LEU A 36 -31.92 14.85 -1.66
N VAL A 37 -31.82 14.55 -0.37
CA VAL A 37 -30.91 15.19 0.57
C VAL A 37 -29.89 14.21 1.19
N PHE A 38 -28.64 14.70 1.39
CA PHE A 38 -27.58 13.94 2.06
C PHE A 38 -26.79 14.85 2.99
N ALA A 39 -26.24 14.25 4.06
CA ALA A 39 -25.43 14.95 5.06
C ALA A 39 -23.98 14.48 4.96
N THR A 40 -23.03 15.42 5.14
CA THR A 40 -21.58 15.14 5.15
C THR A 40 -21.04 15.60 6.50
N VAL A 41 -20.10 14.85 7.11
CA VAL A 41 -19.49 15.20 8.39
C VAL A 41 -17.94 15.15 8.29
N GLY A 42 -17.33 16.20 8.79
CA GLY A 42 -15.88 16.38 8.81
C GLY A 42 -15.56 17.63 9.60
N SER A 43 -14.41 17.65 10.33
CA SER A 43 -14.00 18.78 11.18
C SER A 43 -15.11 19.00 12.24
N ASN A 44 -15.48 20.25 12.58
CA ASN A 44 -16.56 20.51 13.54
C ASN A 44 -17.84 20.88 12.77
N ARG A 45 -18.00 20.35 11.55
CA ARG A 45 -19.10 20.70 10.68
C ARG A 45 -19.99 19.54 10.23
N VAL A 46 -21.28 19.86 10.03
CA VAL A 46 -22.33 18.99 9.51
C VAL A 46 -22.95 19.83 8.39
N THR A 47 -22.92 19.34 7.16
CA THR A 47 -23.41 20.07 5.98
C THR A 47 -24.48 19.28 5.20
N LEU A 48 -25.57 19.97 4.82
CA LEU A 48 -26.71 19.42 4.07
C LEU A 48 -26.67 19.86 2.63
N TYR A 49 -26.90 18.91 1.71
CA TYR A 49 -26.92 19.13 0.27
C TYR A 49 -28.15 18.53 -0.40
N GLU A 50 -28.68 19.19 -1.43
CA GLU A 50 -29.78 18.68 -2.24
C GLU A 50 -29.26 18.24 -3.62
N CYS A 51 -29.68 17.05 -4.08
CA CYS A 51 -29.35 16.49 -5.40
C CYS A 51 -30.44 16.86 -6.39
N HIS A 52 -30.08 17.57 -7.45
CA HIS A 52 -31.01 18.00 -8.48
C HIS A 52 -30.74 17.30 -9.81
N SER A 53 -31.51 17.68 -10.85
CA SER A 53 -31.35 17.18 -12.22
C SER A 53 -30.05 17.73 -12.82
N GLN A 54 -29.54 17.08 -13.89
CA GLN A 54 -28.31 17.45 -14.63
C GLN A 54 -27.03 17.48 -13.74
N GLY A 55 -27.04 16.67 -12.68
CA GLY A 55 -25.94 16.52 -11.75
C GLY A 55 -25.67 17.69 -10.81
N GLU A 56 -26.66 18.58 -10.61
CA GLU A 56 -26.53 19.76 -9.75
C GLU A 56 -26.63 19.42 -8.25
N ILE A 57 -25.59 19.81 -7.48
CA ILE A 57 -25.54 19.62 -6.03
C ILE A 57 -25.67 21.00 -5.39
N ARG A 58 -26.81 21.25 -4.73
CA ARG A 58 -27.13 22.52 -4.09
C ARG A 58 -26.92 22.44 -2.58
N LEU A 59 -26.14 23.37 -2.03
CA LEU A 59 -25.87 23.48 -0.59
C LEU A 59 -27.08 24.05 0.15
N LEU A 60 -27.65 23.29 1.10
CA LEU A 60 -28.81 23.74 1.87
C LEU A 60 -28.39 24.48 3.13
N GLN A 61 -27.76 23.78 4.08
CA GLN A 61 -27.33 24.41 5.32
C GLN A 61 -26.07 23.80 5.90
N SER A 62 -25.51 24.46 6.91
CA SER A 62 -24.32 24.04 7.61
C SER A 62 -24.46 24.26 9.13
N TYR A 63 -24.10 23.25 9.91
CA TYR A 63 -24.01 23.32 11.36
C TYR A 63 -22.50 23.39 11.63
N VAL A 64 -22.07 24.38 12.41
CA VAL A 64 -20.68 24.57 12.81
C VAL A 64 -20.73 24.47 14.32
N ASP A 65 -20.04 23.48 14.90
CA ASP A 65 -20.03 23.29 16.35
C ASP A 65 -19.31 24.40 17.06
N ALA A 66 -19.79 24.78 18.27
CA ALA A 66 -19.21 25.85 19.11
C ALA A 66 -17.75 25.52 19.50
N ASP A 67 -17.44 24.21 19.62
CA ASP A 67 -16.11 23.69 19.92
C ASP A 67 -15.38 23.56 18.58
N ALA A 68 -14.29 24.30 18.44
CA ALA A 68 -13.46 24.30 17.22
C ALA A 68 -12.62 23.03 17.11
N ASP A 69 -12.36 22.37 18.26
CA ASP A 69 -11.55 21.15 18.38
C ASP A 69 -12.36 19.84 18.29
N GLU A 70 -13.69 19.92 18.13
CA GLU A 70 -14.59 18.78 17.94
C GLU A 70 -14.36 18.26 16.51
N ASN A 71 -14.31 16.93 16.37
CA ASN A 71 -14.14 16.19 15.12
C ASN A 71 -15.31 15.23 14.95
N PHE A 72 -16.26 15.50 14.01
CA PHE A 72 -17.36 14.58 13.76
C PHE A 72 -16.90 13.38 12.94
N TYR A 73 -17.16 12.18 13.46
CA TYR A 73 -16.76 10.91 12.83
C TYR A 73 -17.94 10.16 12.20
N THR A 74 -19.20 10.54 12.57
CA THR A 74 -20.40 9.79 12.18
C THR A 74 -21.72 10.61 12.20
N CYS A 75 -22.70 10.16 11.39
CA CYS A 75 -24.04 10.75 11.35
C CYS A 75 -25.09 9.71 10.98
N ALA A 76 -26.33 9.90 11.45
CA ALA A 76 -27.45 9.00 11.17
C ALA A 76 -28.77 9.76 11.11
N TRP A 77 -29.62 9.44 10.14
CA TRP A 77 -30.93 10.08 10.01
C TRP A 77 -32.01 9.29 10.77
N THR A 78 -33.06 10.01 11.24
CA THR A 78 -34.29 9.48 11.87
C THR A 78 -35.46 10.41 11.56
N TYR A 79 -36.60 10.12 12.16
CA TYR A 79 -37.80 10.94 12.03
C TYR A 79 -38.50 10.98 13.38
N ASP A 80 -39.21 12.08 13.63
CA ASP A 80 -40.02 12.23 14.82
C ASP A 80 -41.24 11.32 14.59
N SER A 81 -41.45 10.33 15.47
CA SER A 81 -42.56 9.36 15.43
C SER A 81 -43.96 9.98 15.31
N ASN A 82 -44.15 11.20 15.88
CA ASN A 82 -45.42 11.94 15.91
C ASN A 82 -45.71 12.84 14.69
N THR A 83 -44.66 13.42 14.08
CA THR A 83 -44.84 14.37 12.96
C THR A 83 -44.26 13.89 11.64
N SER A 84 -43.40 12.83 11.66
CA SER A 84 -42.67 12.21 10.55
C SER A 84 -41.61 13.15 9.93
N HIS A 85 -41.29 14.23 10.66
CA HIS A 85 -40.27 15.21 10.26
C HIS A 85 -38.87 14.67 10.47
N PRO A 86 -37.92 14.90 9.52
CA PRO A 86 -36.57 14.34 9.69
C PRO A 86 -35.75 14.98 10.80
N LEU A 87 -34.88 14.15 11.40
CA LEU A 87 -33.94 14.53 12.45
C LEU A 87 -32.58 13.92 12.10
N LEU A 88 -31.47 14.58 12.47
CA LEU A 88 -30.14 14.05 12.21
C LEU A 88 -29.28 14.01 13.47
N ALA A 89 -28.69 12.85 13.76
CA ALA A 89 -27.80 12.64 14.90
C ALA A 89 -26.35 12.65 14.43
N VAL A 90 -25.47 13.39 15.13
CA VAL A 90 -24.05 13.50 14.83
C VAL A 90 -23.19 13.26 16.06
N ALA A 91 -21.95 12.77 15.90
CA ALA A 91 -21.01 12.53 17.01
C ALA A 91 -19.56 12.31 16.54
N GLY A 92 -18.61 12.51 17.45
CA GLY A 92 -17.20 12.33 17.15
C GLY A 92 -16.30 12.23 18.36
N SER A 93 -15.11 12.89 18.28
CA SER A 93 -14.03 12.88 19.29
C SER A 93 -14.43 13.37 20.70
N ARG A 94 -15.38 14.30 20.82
CA ARG A 94 -15.82 14.78 22.12
C ARG A 94 -16.68 13.77 22.88
N GLY A 95 -17.25 12.80 22.16
CA GLY A 95 -18.10 11.77 22.74
C GLY A 95 -19.46 12.27 23.18
N ILE A 96 -19.95 13.35 22.52
CA ILE A 96 -21.26 13.94 22.73
C ILE A 96 -22.16 13.70 21.50
N ILE A 97 -23.38 13.18 21.71
CA ILE A 97 -24.38 12.95 20.67
C ILE A 97 -25.18 14.26 20.57
N ARG A 98 -25.37 14.78 19.36
CA ARG A 98 -26.14 16.00 19.12
C ARG A 98 -27.25 15.70 18.14
N ILE A 99 -28.48 16.10 18.48
CA ILE A 99 -29.64 15.91 17.62
C ILE A 99 -29.89 17.26 16.96
N ILE A 100 -29.87 17.27 15.62
CA ILE A 100 -30.04 18.46 14.79
C ILE A 100 -31.43 18.45 14.10
N ASN A 101 -32.04 19.64 13.94
CA ASN A 101 -33.27 19.87 13.19
C ASN A 101 -32.77 20.25 11.77
N PRO A 102 -32.88 19.38 10.74
CA PRO A 102 -32.32 19.73 9.42
C PRO A 102 -32.92 20.96 8.71
N ILE A 103 -34.07 21.48 9.21
CA ILE A 103 -34.74 22.66 8.65
C ILE A 103 -34.02 23.96 9.07
N THR A 104 -33.68 24.08 10.37
CA THR A 104 -33.04 25.26 10.97
C THR A 104 -31.53 25.06 11.21
N MET A 105 -31.06 23.78 11.06
CA MET A 105 -29.71 23.22 11.30
C MET A 105 -29.19 23.55 12.71
N GLN A 106 -30.15 23.70 13.65
CA GLN A 106 -29.94 24.00 15.07
C GLN A 106 -30.03 22.76 15.95
N CYS A 107 -29.17 22.69 16.97
CA CYS A 107 -29.06 21.61 17.96
C CYS A 107 -30.25 21.60 18.98
N ILE A 108 -31.17 20.60 18.85
CA ILE A 108 -32.38 20.36 19.66
C ILE A 108 -32.00 19.93 21.09
N LYS A 109 -31.21 18.84 21.20
CA LYS A 109 -30.74 18.25 22.44
C LYS A 109 -29.42 17.49 22.22
N HIS A 110 -28.73 17.23 23.31
CA HIS A 110 -27.45 16.57 23.31
C HIS A 110 -27.32 15.54 24.48
N TYR A 111 -26.59 14.41 24.21
CA TYR A 111 -26.38 13.31 25.17
C TYR A 111 -24.90 13.13 25.51
N VAL A 112 -24.61 13.11 26.80
CA VAL A 112 -23.28 12.93 27.39
C VAL A 112 -23.29 11.60 28.13
N GLY A 113 -22.17 10.90 28.13
CA GLY A 113 -22.11 9.64 28.86
C GLY A 113 -20.91 8.78 28.55
N HIS A 114 -20.66 8.55 27.24
CA HIS A 114 -19.49 7.77 26.80
C HIS A 114 -18.23 8.46 27.30
N GLY A 115 -17.27 7.66 27.76
CA GLY A 115 -16.03 8.15 28.35
C GLY A 115 -14.95 8.55 27.37
N ASN A 116 -15.21 8.40 26.05
CA ASN A 116 -14.31 8.74 24.97
C ASN A 116 -15.11 8.97 23.67
N ALA A 117 -14.44 9.11 22.53
CA ALA A 117 -15.01 9.35 21.21
C ALA A 117 -16.05 8.34 20.72
N ILE A 118 -17.04 8.81 19.95
CA ILE A 118 -18.05 7.97 19.33
C ILE A 118 -17.64 7.69 17.88
N ASN A 119 -17.52 6.41 17.54
CA ASN A 119 -17.08 5.96 16.22
C ASN A 119 -18.20 5.74 15.22
N GLU A 120 -19.40 5.35 15.70
CA GLU A 120 -20.59 5.15 14.86
C GLU A 120 -21.87 5.33 15.64
N LEU A 121 -22.92 5.80 14.93
CA LEU A 121 -24.29 5.98 15.37
C LEU A 121 -25.19 5.22 14.41
N LYS A 122 -26.19 4.48 14.95
CA LYS A 122 -27.18 3.70 14.19
C LYS A 122 -28.53 3.79 14.82
N PHE A 123 -29.57 4.10 14.03
CA PHE A 123 -30.95 4.12 14.53
C PHE A 123 -31.60 2.75 14.26
N HIS A 124 -32.44 2.27 15.20
CA HIS A 124 -33.17 1.01 15.16
C HIS A 124 -34.09 0.97 13.92
N PRO A 125 -34.07 -0.13 13.13
CA PRO A 125 -34.89 -0.18 11.89
C PRO A 125 -36.42 -0.10 12.03
N ARG A 126 -36.96 -0.34 13.23
CA ARG A 126 -38.40 -0.30 13.44
C ARG A 126 -38.80 0.84 14.38
N ASP A 127 -37.93 1.16 15.36
CA ASP A 127 -38.18 2.19 16.38
C ASP A 127 -37.28 3.40 16.13
N PRO A 128 -37.86 4.51 15.61
CA PRO A 128 -37.05 5.70 15.30
C PRO A 128 -36.40 6.40 16.49
N ASN A 129 -36.82 6.07 17.71
CA ASN A 129 -36.37 6.68 18.95
C ASN A 129 -35.18 5.98 19.58
N LEU A 130 -34.89 4.78 19.11
CA LEU A 130 -33.80 3.95 19.64
C LEU A 130 -32.50 4.16 18.88
N LEU A 131 -31.52 4.82 19.53
CA LEU A 131 -30.23 5.16 18.93
C LEU A 131 -29.07 4.41 19.59
N LEU A 132 -28.24 3.77 18.78
CA LEU A 132 -27.07 3.04 19.24
C LEU A 132 -25.76 3.80 18.95
N SER A 133 -24.87 3.90 19.94
CA SER A 133 -23.56 4.49 19.77
C SER A 133 -22.46 3.46 20.12
N VAL A 134 -21.31 3.54 19.38
CA VAL A 134 -20.14 2.68 19.59
C VAL A 134 -18.95 3.57 19.98
N SER A 135 -18.25 3.23 21.06
CA SER A 135 -17.22 4.13 21.55
C SER A 135 -15.82 3.53 21.78
N LYS A 136 -14.82 4.43 21.84
CA LYS A 136 -13.41 4.16 22.15
C LYS A 136 -13.27 3.66 23.61
N ASP A 137 -14.26 3.94 24.49
CA ASP A 137 -14.34 3.52 25.90
C ASP A 137 -14.60 2.01 26.08
N HIS A 138 -14.78 1.24 24.95
CA HIS A 138 -14.96 -0.22 24.81
C HIS A 138 -16.42 -0.68 24.92
N ALA A 139 -17.35 0.26 25.00
CA ALA A 139 -18.76 -0.05 25.14
C ALA A 139 -19.62 0.43 23.99
N LEU A 140 -20.83 -0.09 23.94
CA LEU A 140 -21.92 0.29 23.05
C LEU A 140 -23.02 0.79 23.98
N ARG A 141 -23.76 1.84 23.59
CA ARG A 141 -24.88 2.38 24.38
C ARG A 141 -26.16 2.47 23.57
N LEU A 142 -27.31 2.19 24.20
CA LEU A 142 -28.62 2.26 23.56
C LEU A 142 -29.44 3.34 24.24
N TRP A 143 -29.87 4.35 23.46
CA TRP A 143 -30.59 5.51 23.95
C TRP A 143 -32.01 5.58 23.43
N ASN A 144 -32.92 6.14 24.24
CA ASN A 144 -34.30 6.41 23.85
C ASN A 144 -34.31 7.94 23.70
N ILE A 145 -34.32 8.45 22.47
CA ILE A 145 -34.26 9.91 22.23
C ILE A 145 -35.62 10.63 22.48
N GLN A 146 -36.74 9.89 22.66
CA GLN A 146 -38.04 10.50 22.96
C GLN A 146 -38.13 10.87 24.44
N THR A 147 -37.63 9.98 25.33
CA THR A 147 -37.70 10.18 26.78
C THR A 147 -36.36 10.62 27.38
N ASP A 148 -35.28 10.69 26.54
CA ASP A 148 -33.92 11.12 26.91
C ASP A 148 -33.31 10.22 27.98
N THR A 149 -33.40 8.90 27.75
CA THR A 149 -32.89 7.87 28.67
C THR A 149 -31.86 6.95 28.01
N LEU A 150 -30.91 6.50 28.83
CA LEU A 150 -29.91 5.51 28.50
C LEU A 150 -30.58 4.17 28.84
N VAL A 151 -30.94 3.37 27.84
CA VAL A 151 -31.59 2.08 28.01
C VAL A 151 -30.61 1.03 28.56
N ALA A 152 -29.45 0.90 27.89
CA ALA A 152 -28.45 -0.09 28.27
C ALA A 152 -27.07 0.26 27.82
N ILE A 153 -26.08 -0.32 28.51
CA ILE A 153 -24.66 -0.26 28.22
C ILE A 153 -24.24 -1.71 27.91
N PHE A 154 -23.64 -1.92 26.73
CA PHE A 154 -23.16 -3.24 26.25
C PHE A 154 -21.66 -3.24 26.33
N GLY A 155 -21.15 -3.92 27.33
CA GLY A 155 -19.71 -4.04 27.55
C GLY A 155 -19.36 -4.35 28.98
N GLY A 156 -18.10 -4.64 29.21
CA GLY A 156 -17.62 -4.93 30.55
C GLY A 156 -16.67 -6.09 30.56
N VAL A 157 -16.99 -7.13 31.37
CA VAL A 157 -16.18 -8.32 31.63
C VAL A 157 -15.97 -9.16 30.35
N GLU A 158 -17.03 -9.45 29.60
CA GLU A 158 -16.91 -10.24 28.38
C GLU A 158 -17.22 -9.42 27.12
N GLY A 159 -17.16 -8.10 27.27
CA GLY A 159 -17.35 -7.18 26.16
C GLY A 159 -16.06 -6.92 25.42
N HIS A 160 -16.07 -5.96 24.50
CA HIS A 160 -14.86 -5.56 23.78
C HIS A 160 -13.74 -5.12 24.77
N ARG A 161 -12.48 -5.43 24.44
CA ARG A 161 -11.31 -5.18 25.25
C ARG A 161 -10.48 -4.00 24.72
N ASP A 162 -10.91 -3.46 23.59
CA ASP A 162 -10.31 -2.29 22.96
C ASP A 162 -11.45 -1.51 22.31
N GLU A 163 -11.15 -0.36 21.69
CA GLU A 163 -12.11 0.54 21.03
C GLU A 163 -13.05 -0.17 20.07
N VAL A 164 -14.33 0.20 20.13
CA VAL A 164 -15.37 -0.36 19.25
C VAL A 164 -15.42 0.58 18.04
N LEU A 165 -15.39 0.01 16.81
CA LEU A 165 -15.34 0.83 15.60
C LEU A 165 -16.63 0.84 14.78
N SER A 166 -17.43 -0.23 14.87
CA SER A 166 -18.68 -0.35 14.10
C SER A 166 -19.67 -1.27 14.76
N ALA A 167 -20.97 -1.05 14.45
CA ALA A 167 -22.10 -1.88 14.88
C ALA A 167 -23.26 -1.80 13.87
N ASP A 168 -24.10 -2.83 13.83
CA ASP A 168 -25.24 -2.90 12.91
C ASP A 168 -26.34 -3.74 13.50
N TYR A 169 -27.59 -3.30 13.31
CA TYR A 169 -28.81 -4.00 13.68
C TYR A 169 -29.15 -4.93 12.52
N ASP A 170 -29.87 -6.06 12.79
CA ASP A 170 -30.36 -6.96 11.73
C ASP A 170 -31.61 -6.33 11.09
N LEU A 171 -32.23 -7.00 10.11
CA LEU A 171 -33.41 -6.54 9.38
C LEU A 171 -34.54 -6.01 10.29
N LEU A 172 -34.87 -6.72 11.39
CA LEU A 172 -35.93 -6.34 12.30
C LEU A 172 -35.49 -5.62 13.57
N GLY A 173 -34.19 -5.51 13.80
CA GLY A 173 -33.65 -4.87 14.99
C GLY A 173 -33.84 -5.70 16.26
N GLU A 174 -33.72 -7.05 16.12
CA GLU A 174 -33.79 -8.04 17.22
C GLU A 174 -32.38 -8.28 17.81
N LYS A 175 -31.33 -8.04 17.01
CA LYS A 175 -29.92 -8.26 17.40
C LYS A 175 -28.96 -7.28 16.76
N ILE A 176 -27.84 -7.03 17.48
CA ILE A 176 -26.76 -6.14 17.07
C ILE A 176 -25.49 -6.98 16.93
N MET A 177 -24.66 -6.68 15.92
CA MET A 177 -23.31 -7.25 15.73
C MET A 177 -22.35 -6.07 15.81
N SER A 178 -21.36 -6.14 16.72
CA SER A 178 -20.36 -5.08 16.91
C SER A 178 -18.95 -5.61 16.62
N CYS A 179 -18.02 -4.70 16.29
CA CYS A 179 -16.63 -5.06 15.96
C CYS A 179 -15.65 -3.96 16.37
N GLY A 180 -14.36 -4.27 16.53
CA GLY A 180 -13.40 -3.27 16.95
C GLY A 180 -11.93 -3.59 16.81
N MET A 181 -11.07 -2.82 17.55
CA MET A 181 -9.61 -2.99 17.55
C MET A 181 -9.13 -4.31 18.16
N ASP A 182 -9.99 -4.98 18.97
CA ASP A 182 -9.64 -6.25 19.63
C ASP A 182 -9.72 -7.45 18.65
N HIS A 183 -10.09 -7.20 17.36
CA HIS A 183 -10.19 -8.14 16.23
C HIS A 183 -11.49 -8.95 16.26
N SER A 184 -12.25 -8.84 17.36
CA SER A 184 -13.45 -9.62 17.54
C SER A 184 -14.73 -8.98 17.00
N LEU A 185 -15.69 -9.84 16.67
CA LEU A 185 -17.06 -9.56 16.21
C LEU A 185 -17.98 -10.18 17.24
N LYS A 186 -18.76 -9.32 17.97
CA LYS A 186 -19.65 -9.70 19.09
C LYS A 186 -21.13 -9.48 18.83
N LEU A 187 -21.94 -10.49 19.15
CA LEU A 187 -23.38 -10.47 18.95
C LEU A 187 -24.12 -10.15 20.24
N TRP A 188 -25.09 -9.24 20.17
CA TRP A 188 -25.88 -8.84 21.32
C TRP A 188 -27.37 -8.91 20.94
N ARG A 189 -28.12 -9.83 21.60
CA ARG A 189 -29.58 -9.99 21.39
C ARG A 189 -30.36 -8.97 22.21
N ILE A 190 -31.23 -8.17 21.53
CA ILE A 190 -32.04 -7.12 22.16
C ILE A 190 -33.56 -7.49 22.16
N ASN A 191 -33.89 -8.74 21.72
CA ASN A 191 -35.27 -9.27 21.75
C ASN A 191 -35.46 -10.21 22.97
N SER A 192 -34.52 -10.12 23.95
CA SER A 192 -34.66 -10.91 25.17
C SER A 192 -35.69 -10.25 26.08
N LYS A 193 -36.20 -10.97 27.08
CA LYS A 193 -37.21 -10.46 28.00
C LYS A 193 -36.68 -9.22 28.77
N ARG A 194 -35.41 -9.28 29.19
CA ARG A 194 -34.67 -8.21 29.87
C ARG A 194 -34.60 -6.93 29.03
N MET A 195 -34.27 -7.07 27.75
CA MET A 195 -34.14 -5.93 26.85
C MET A 195 -35.46 -5.37 26.42
N MET A 196 -36.44 -6.25 26.14
CA MET A 196 -37.79 -5.82 25.76
C MET A 196 -38.45 -5.06 26.89
N ASN A 197 -38.20 -5.48 28.14
CA ASN A 197 -38.76 -4.83 29.32
C ASN A 197 -38.06 -3.50 29.60
N ALA A 198 -36.72 -3.44 29.43
CA ALA A 198 -35.93 -2.22 29.62
C ALA A 198 -36.35 -1.13 28.62
N ILE A 199 -36.65 -1.53 27.34
CA ILE A 199 -37.13 -0.65 26.28
C ILE A 199 -38.49 -0.10 26.66
N LYS A 200 -39.42 -1.00 27.09
CA LYS A 200 -40.78 -0.68 27.52
C LYS A 200 -40.75 0.29 28.69
N GLU A 201 -39.86 0.04 29.68
CA GLU A 201 -39.73 0.90 30.86
C GLU A 201 -39.14 2.28 30.59
N SER A 202 -38.29 2.39 29.55
CA SER A 202 -37.66 3.65 29.15
C SER A 202 -38.69 4.62 28.57
N TYR A 203 -39.82 4.11 28.07
CA TYR A 203 -40.95 4.86 27.53
C TYR A 203 -41.90 5.37 28.62
N ASP A 204 -41.82 4.78 29.83
CA ASP A 204 -42.65 5.16 30.97
C ASP A 204 -41.87 6.11 31.89
N TYR A 205 -40.59 6.33 31.61
CA TYR A 205 -39.84 7.22 32.47
C TYR A 205 -40.13 8.70 32.18
N ASN A 206 -40.24 9.48 33.26
CA ASN A 206 -40.32 10.93 33.26
C ASN A 206 -39.71 11.47 34.59
N PRO A 207 -38.63 12.31 34.55
CA PRO A 207 -38.04 12.86 35.81
C PRO A 207 -38.92 13.86 36.54
N ASN A 208 -40.01 14.30 35.88
CA ASN A 208 -40.96 15.27 36.43
C ASN A 208 -41.99 14.62 37.34
N LYS A 209 -42.21 13.30 37.21
CA LYS A 209 -43.17 12.57 38.03
C LYS A 209 -42.51 11.66 39.10
N THR A 210 -41.16 11.65 39.18
CA THR A 210 -40.37 10.87 40.16
C THR A 210 -39.06 11.60 40.57
N ASN A 211 -38.52 11.34 41.81
CA ASN A 211 -37.24 11.94 42.26
C ASN A 211 -36.03 10.96 42.11
N ARG A 212 -36.28 9.76 41.57
CA ARG A 212 -35.30 8.70 41.34
C ARG A 212 -34.88 8.67 39.85
N PRO A 213 -33.57 8.41 39.53
CA PRO A 213 -33.18 8.35 38.12
C PRO A 213 -33.55 7.03 37.46
N PHE A 214 -33.50 7.04 36.11
CA PHE A 214 -33.73 5.85 35.30
C PHE A 214 -32.51 4.94 35.45
N ILE A 215 -32.75 3.64 35.59
CA ILE A 215 -31.68 2.71 35.81
C ILE A 215 -31.51 1.80 34.61
N SER A 216 -30.41 2.09 33.92
CA SER A 216 -29.97 1.43 32.70
C SER A 216 -29.54 0.03 32.98
N GLN A 217 -29.71 -0.87 31.98
CA GLN A 217 -29.23 -2.26 32.06
C GLN A 217 -27.74 -2.30 31.78
N LYS A 218 -26.97 -2.95 32.67
CA LYS A 218 -25.54 -3.09 32.44
C LYS A 218 -25.30 -4.51 31.93
N ILE A 219 -25.29 -4.68 30.58
CA ILE A 219 -25.10 -5.97 29.88
C ILE A 219 -23.58 -6.33 29.74
N HIS A 220 -23.08 -7.26 30.57
CA HIS A 220 -21.68 -7.69 30.60
C HIS A 220 -21.28 -8.79 29.63
N PHE A 221 -22.26 -9.58 29.13
CA PHE A 221 -22.01 -10.77 28.32
C PHE A 221 -22.64 -10.76 26.93
N PRO A 222 -21.84 -10.92 25.83
CA PRO A 222 -22.46 -11.01 24.49
C PRO A 222 -23.10 -12.39 24.24
N ASP A 223 -23.88 -12.54 23.16
CA ASP A 223 -24.57 -13.79 22.80
C ASP A 223 -23.77 -14.68 21.81
N PHE A 224 -22.60 -14.21 21.36
CA PHE A 224 -21.65 -14.89 20.46
C PHE A 224 -20.44 -13.98 20.32
N SER A 225 -19.23 -14.55 20.10
CA SER A 225 -17.99 -13.82 19.94
C SER A 225 -16.97 -14.65 19.12
N THR A 226 -16.30 -14.01 18.14
CA THR A 226 -15.26 -14.64 17.32
C THR A 226 -14.08 -13.71 17.08
N ARG A 227 -12.86 -14.28 16.92
CA ARG A 227 -11.63 -13.54 16.59
C ARG A 227 -10.97 -14.23 15.37
N ASP A 228 -11.70 -15.13 14.71
CA ASP A 228 -11.24 -15.97 13.59
C ASP A 228 -11.54 -15.45 12.16
N ILE A 229 -12.12 -14.27 12.00
CA ILE A 229 -12.44 -13.76 10.67
C ILE A 229 -11.31 -12.93 10.12
N HIS A 230 -10.85 -11.93 10.92
CA HIS A 230 -9.77 -11.01 10.58
C HIS A 230 -8.60 -11.11 11.57
N ARG A 231 -7.42 -10.55 11.18
CA ARG A 231 -6.20 -10.57 11.99
C ARG A 231 -5.72 -9.15 12.39
N ASN A 232 -6.51 -8.10 12.07
CA ASN A 232 -6.25 -6.70 12.41
C ASN A 232 -7.56 -6.06 12.88
N TYR A 233 -7.60 -4.71 12.98
CA TYR A 233 -8.75 -3.89 13.39
C TYR A 233 -9.97 -4.14 12.47
N VAL A 234 -11.13 -4.57 13.03
CA VAL A 234 -12.38 -4.77 12.28
C VAL A 234 -13.10 -3.42 12.35
N ASP A 235 -13.10 -2.67 11.24
CA ASP A 235 -13.59 -1.28 11.20
C ASP A 235 -14.95 -1.07 10.49
N CYS A 236 -15.58 -2.15 10.01
CA CYS A 236 -16.91 -2.09 9.37
C CYS A 236 -17.59 -3.44 9.42
N VAL A 237 -18.86 -3.45 9.81
CA VAL A 237 -19.71 -4.65 9.93
C VAL A 237 -21.14 -4.32 9.50
N ARG A 238 -21.75 -5.20 8.70
CA ARG A 238 -23.11 -5.06 8.22
C ARG A 238 -23.81 -6.40 8.08
N TRP A 239 -25.09 -6.50 8.48
CA TRP A 239 -25.87 -7.72 8.29
C TRP A 239 -26.36 -7.76 6.84
N LEU A 240 -26.49 -8.99 6.30
CA LEU A 240 -27.01 -9.29 4.98
C LEU A 240 -27.90 -10.50 5.22
N GLY A 241 -29.13 -10.24 5.66
CA GLY A 241 -30.04 -11.28 6.10
C GLY A 241 -29.50 -11.83 7.42
N ASP A 242 -29.34 -13.15 7.51
CA ASP A 242 -28.76 -13.80 8.70
C ASP A 242 -27.21 -13.93 8.60
N LEU A 243 -26.63 -13.39 7.52
CA LEU A 243 -25.18 -13.42 7.27
C LEU A 243 -24.52 -12.11 7.64
N ILE A 244 -23.19 -12.16 7.85
CA ILE A 244 -22.41 -10.96 8.20
C ILE A 244 -21.40 -10.64 7.13
N LEU A 245 -21.24 -9.33 6.82
CA LEU A 245 -20.20 -8.82 5.93
C LEU A 245 -19.35 -7.95 6.83
N SER A 246 -18.05 -8.22 6.91
CA SER A 246 -17.15 -7.42 7.73
C SER A 246 -15.81 -7.27 7.05
N LYS A 247 -15.09 -6.17 7.33
CA LYS A 247 -13.77 -5.92 6.76
C LYS A 247 -12.77 -5.47 7.81
N SER A 248 -11.47 -5.70 7.52
CA SER A 248 -10.34 -5.15 8.29
C SER A 248 -9.58 -4.25 7.29
N CYS A 249 -8.27 -4.12 7.44
CA CYS A 249 -7.45 -3.30 6.55
C CYS A 249 -6.52 -4.24 5.73
N GLU A 250 -6.97 -5.49 5.50
CA GLU A 250 -6.32 -6.63 4.86
C GLU A 250 -6.76 -6.88 3.38
N ASN A 251 -7.41 -5.88 2.76
CA ASN A 251 -7.86 -5.85 1.34
C ASN A 251 -8.97 -6.90 0.97
N ALA A 252 -9.92 -7.16 1.89
CA ALA A 252 -11.04 -8.07 1.65
C ALA A 252 -12.22 -7.82 2.58
N ILE A 253 -13.46 -7.95 2.05
CA ILE A 253 -14.73 -7.93 2.78
C ILE A 253 -15.12 -9.42 2.89
N VAL A 254 -15.23 -9.95 4.12
CA VAL A 254 -15.55 -11.36 4.32
C VAL A 254 -17.05 -11.58 4.61
N CYS A 255 -17.67 -12.54 3.88
CA CYS A 255 -19.05 -12.95 4.11
C CYS A 255 -18.98 -14.21 4.97
N TRP A 256 -19.57 -14.18 6.16
CA TRP A 256 -19.51 -15.31 7.07
C TRP A 256 -20.78 -15.43 7.89
N LYS A 257 -20.84 -16.43 8.77
CA LYS A 257 -21.96 -16.68 9.68
C LYS A 257 -21.46 -17.45 10.92
N PRO A 258 -22.06 -17.20 12.11
CA PRO A 258 -21.66 -17.96 13.31
C PRO A 258 -22.10 -19.43 13.15
N GLY A 259 -21.37 -20.34 13.83
CA GLY A 259 -21.63 -21.78 13.79
C GLY A 259 -21.31 -22.45 12.47
N LYS A 260 -21.80 -23.67 12.30
CA LYS A 260 -21.62 -24.50 11.10
C LYS A 260 -22.59 -24.08 9.98
N MET A 261 -22.43 -24.66 8.77
CA MET A 261 -23.20 -24.34 7.56
C MET A 261 -24.73 -24.36 7.77
N GLU A 262 -25.26 -25.44 8.35
CA GLU A 262 -26.69 -25.63 8.56
C GLU A 262 -27.25 -25.01 9.86
N ASP A 263 -26.37 -24.39 10.70
CA ASP A 263 -26.76 -23.79 11.98
C ASP A 263 -27.57 -22.47 11.86
N ASP A 264 -28.76 -22.42 12.48
CA ASP A 264 -29.65 -21.25 12.49
C ASP A 264 -29.10 -20.27 13.48
N ILE A 265 -29.14 -18.98 13.10
CA ILE A 265 -28.64 -17.86 13.90
C ILE A 265 -29.33 -17.78 15.28
N ASP A 266 -30.65 -18.02 15.34
CA ASP A 266 -31.43 -17.93 16.58
C ASP A 266 -31.28 -19.18 17.48
N LYS A 267 -30.55 -20.21 17.01
CA LYS A 267 -30.23 -21.43 17.73
C LYS A 267 -28.78 -21.42 18.28
N ILE A 268 -27.95 -20.48 17.80
CA ILE A 268 -26.55 -20.28 18.23
C ILE A 268 -26.50 -19.94 19.74
N LYS A 269 -25.69 -20.73 20.50
CA LYS A 269 -25.44 -20.56 21.94
C LYS A 269 -24.24 -19.61 22.17
N PRO A 270 -24.12 -18.90 23.34
CA PRO A 270 -22.97 -18.00 23.56
C PRO A 270 -21.59 -18.68 23.57
N SER A 271 -21.56 -20.03 23.73
CA SER A 271 -20.34 -20.86 23.77
C SER A 271 -19.87 -21.37 22.40
N GLU A 272 -20.59 -21.02 21.31
CA GLU A 272 -20.29 -21.40 19.92
C GLU A 272 -18.87 -21.00 19.51
N SER A 273 -18.02 -22.01 19.25
CA SER A 273 -16.60 -21.90 18.87
C SER A 273 -16.33 -21.90 17.35
N ASN A 274 -17.35 -22.27 16.54
CA ASN A 274 -17.20 -22.32 15.09
C ASN A 274 -17.80 -21.13 14.33
N VAL A 275 -17.23 -20.85 13.15
CA VAL A 275 -17.66 -19.84 12.17
C VAL A 275 -17.59 -20.51 10.79
N THR A 276 -18.37 -20.02 9.81
CA THR A 276 -18.36 -20.54 8.43
C THR A 276 -18.11 -19.37 7.48
N ILE A 277 -17.02 -19.40 6.69
CA ILE A 277 -16.70 -18.37 5.69
C ILE A 277 -17.48 -18.77 4.44
N LEU A 278 -18.33 -17.88 3.95
CA LEU A 278 -19.17 -18.15 2.78
C LEU A 278 -18.60 -17.57 1.48
N GLY A 279 -17.95 -16.41 1.58
CA GLY A 279 -17.37 -15.70 0.45
C GLY A 279 -16.43 -14.57 0.84
N ARG A 280 -15.65 -14.07 -0.14
CA ARG A 280 -14.68 -12.99 0.00
C ARG A 280 -14.74 -11.99 -1.17
N PHE A 281 -14.89 -10.69 -0.85
CA PHE A 281 -14.88 -9.59 -1.82
C PHE A 281 -13.49 -8.98 -1.79
N ASP A 282 -12.60 -9.39 -2.75
CA ASP A 282 -11.21 -8.95 -2.84
C ASP A 282 -11.03 -7.65 -3.63
N TYR A 283 -10.05 -6.83 -3.19
CA TYR A 283 -9.71 -5.54 -3.80
C TYR A 283 -8.25 -5.13 -3.50
N SER A 284 -7.87 -3.91 -3.90
CA SER A 284 -6.52 -3.37 -3.72
C SER A 284 -6.52 -1.98 -3.10
N GLN A 285 -5.33 -1.57 -2.58
CA GLN A 285 -5.01 -0.25 -2.04
C GLN A 285 -6.05 0.31 -1.05
N CYS A 286 -6.47 -0.49 -0.07
CA CYS A 286 -7.39 -0.11 1.01
C CYS A 286 -6.91 -0.85 2.28
N ASP A 287 -5.62 -0.64 2.58
CA ASP A 287 -4.88 -1.23 3.70
C ASP A 287 -4.63 -0.26 4.87
N ILE A 288 -5.42 0.81 4.92
CA ILE A 288 -5.35 1.80 5.98
C ILE A 288 -6.56 1.64 6.92
N TRP A 289 -6.45 2.09 8.18
CA TRP A 289 -7.55 2.03 9.14
C TRP A 289 -8.59 3.09 8.79
N TYR A 290 -9.85 2.88 9.24
CA TYR A 290 -11.01 3.77 9.12
C TYR A 290 -11.48 4.00 7.67
N MET A 291 -12.04 2.94 7.02
CA MET A 291 -12.58 2.99 5.66
C MET A 291 -13.85 2.14 5.63
N ARG A 292 -15.04 2.77 5.42
CA ARG A 292 -16.33 2.05 5.44
C ARG A 292 -16.80 1.54 4.11
N PHE A 293 -17.56 0.43 4.15
CA PHE A 293 -18.27 -0.12 2.98
C PHE A 293 -19.76 0.21 3.18
N SER A 294 -20.55 0.20 2.10
CA SER A 294 -21.97 0.53 2.23
C SER A 294 -22.83 -0.23 1.23
N MET A 295 -24.05 -0.57 1.67
CA MET A 295 -25.05 -1.24 0.86
C MET A 295 -26.16 -0.25 0.59
N ASP A 296 -26.89 -0.43 -0.53
CA ASP A 296 -28.05 0.41 -0.85
C ASP A 296 -29.22 -0.07 0.03
N PHE A 297 -30.34 0.67 0.05
CA PHE A 297 -31.49 0.37 0.87
C PHE A 297 -32.00 -1.08 0.71
N TRP A 298 -32.08 -1.56 -0.54
CA TRP A 298 -32.59 -2.88 -0.91
C TRP A 298 -31.57 -4.04 -0.76
N GLN A 299 -30.33 -3.72 -0.34
CA GLN A 299 -29.21 -4.67 -0.14
C GLN A 299 -28.94 -5.50 -1.43
N LYS A 300 -28.97 -4.83 -2.59
CA LYS A 300 -28.71 -5.40 -3.92
C LYS A 300 -27.34 -4.96 -4.47
N MET A 301 -26.76 -3.90 -3.85
CA MET A 301 -25.47 -3.31 -4.23
C MET A 301 -24.54 -3.01 -3.07
N LEU A 302 -23.24 -3.23 -3.29
CA LEU A 302 -22.17 -3.02 -2.32
C LEU A 302 -21.14 -2.05 -2.91
N ALA A 303 -20.71 -1.04 -2.12
CA ALA A 303 -19.72 -0.04 -2.53
C ALA A 303 -18.60 0.15 -1.47
N LEU A 304 -17.36 0.35 -1.95
CA LEU A 304 -16.20 0.62 -1.09
C LEU A 304 -15.16 1.44 -1.82
N GLY A 305 -14.78 2.56 -1.22
CA GLY A 305 -13.73 3.40 -1.74
C GLY A 305 -12.38 2.95 -1.21
N ASN A 306 -11.30 3.15 -2.01
CA ASN A 306 -9.92 2.83 -1.65
C ASN A 306 -9.12 4.12 -1.31
N GLN A 307 -7.86 3.97 -0.83
CA GLN A 307 -7.00 5.06 -0.37
C GLN A 307 -6.40 5.95 -1.49
N VAL A 308 -6.63 5.64 -2.79
CA VAL A 308 -6.12 6.46 -3.90
C VAL A 308 -7.27 7.02 -4.79
N GLY A 309 -8.50 7.06 -4.27
CA GLY A 309 -9.66 7.63 -4.95
C GLY A 309 -10.48 6.76 -5.88
N LYS A 310 -10.28 5.44 -5.86
CA LYS A 310 -11.05 4.52 -6.71
C LYS A 310 -12.23 3.95 -5.92
N LEU A 311 -13.38 3.82 -6.61
CA LEU A 311 -14.62 3.33 -6.05
C LEU A 311 -14.99 1.98 -6.64
N TYR A 312 -15.10 0.95 -5.79
CA TYR A 312 -15.48 -0.40 -6.18
C TYR A 312 -16.97 -0.58 -5.92
N VAL A 313 -17.68 -1.19 -6.89
CA VAL A 313 -19.12 -1.46 -6.80
C VAL A 313 -19.40 -2.91 -7.26
N TRP A 314 -20.05 -3.69 -6.38
CA TRP A 314 -20.43 -5.08 -6.61
C TRP A 314 -21.95 -5.22 -6.62
N ASP A 315 -22.50 -6.04 -7.54
CA ASP A 315 -23.91 -6.39 -7.63
C ASP A 315 -24.10 -7.71 -6.85
N LEU A 316 -24.79 -7.67 -5.70
CA LEU A 316 -25.04 -8.82 -4.84
C LEU A 316 -26.17 -9.73 -5.36
N GLU A 317 -26.81 -9.39 -6.50
CA GLU A 317 -27.88 -10.19 -7.10
C GLU A 317 -27.37 -11.47 -7.81
N CYS A 326 -17.27 -7.16 -9.92
CA CYS A 326 -16.72 -5.86 -9.52
C CYS A 326 -16.69 -4.84 -10.68
N THR A 327 -16.87 -3.55 -10.36
CA THR A 327 -16.80 -2.45 -11.33
C THR A 327 -16.04 -1.30 -10.66
N THR A 328 -15.02 -0.75 -11.33
CA THR A 328 -14.23 0.34 -10.76
C THR A 328 -14.66 1.66 -11.38
N LEU A 329 -14.89 2.67 -10.52
CA LEU A 329 -15.26 4.02 -10.91
C LEU A 329 -14.08 4.91 -10.56
N THR A 330 -13.55 5.60 -11.58
CA THR A 330 -12.38 6.47 -11.45
C THR A 330 -12.54 7.79 -12.19
N HIS A 331 -11.94 8.85 -11.64
CA HIS A 331 -11.89 10.17 -12.25
C HIS A 331 -10.47 10.67 -12.06
N HIS A 332 -9.87 11.25 -13.11
CA HIS A 332 -8.49 11.73 -13.10
C HIS A 332 -8.21 12.84 -12.05
N LYS A 333 -9.27 13.51 -11.52
CA LYS A 333 -9.14 14.56 -10.50
C LYS A 333 -9.42 14.01 -9.08
N CYS A 334 -9.82 12.73 -9.00
CA CYS A 334 -10.10 12.06 -7.73
C CYS A 334 -8.92 11.14 -7.34
N GLY A 335 -8.05 11.66 -6.47
CA GLY A 335 -6.87 10.95 -5.98
C GLY A 335 -6.79 10.68 -4.48
N ALA A 336 -7.66 11.32 -3.65
CA ALA A 336 -7.68 11.19 -2.19
C ALA A 336 -8.52 10.00 -1.71
N ALA A 337 -8.23 9.47 -0.48
CA ALA A 337 -8.95 8.33 0.13
C ALA A 337 -10.41 8.58 0.32
N ILE A 338 -11.26 7.63 -0.11
CA ILE A 338 -12.72 7.68 0.03
C ILE A 338 -13.07 6.96 1.35
N ARG A 339 -13.38 7.75 2.40
CA ARG A 339 -13.68 7.28 3.76
C ARG A 339 -15.05 6.59 3.94
N GLN A 340 -16.08 7.03 3.17
CA GLN A 340 -17.44 6.50 3.16
C GLN A 340 -18.16 6.89 1.87
N THR A 341 -19.21 6.09 1.54
CA THR A 341 -20.08 6.25 0.38
C THR A 341 -21.56 6.13 0.80
N SER A 342 -22.44 6.76 0.04
CA SER A 342 -23.87 6.67 0.28
C SER A 342 -24.64 6.62 -1.03
N PHE A 343 -25.52 5.62 -1.11
CA PHE A 343 -26.46 5.42 -2.20
C PHE A 343 -27.74 6.19 -1.87
N SER A 344 -28.40 6.78 -2.90
CA SER A 344 -29.71 7.42 -2.75
C SER A 344 -30.70 6.27 -2.55
N ARG A 345 -31.88 6.52 -1.95
CA ARG A 345 -32.86 5.47 -1.66
C ARG A 345 -33.19 4.55 -2.86
N ASP A 346 -33.28 5.12 -4.07
CA ASP A 346 -33.58 4.40 -5.31
C ASP A 346 -32.34 3.82 -6.01
N SER A 347 -31.10 4.07 -5.48
CA SER A 347 -29.80 3.63 -6.00
C SER A 347 -29.41 4.25 -7.36
N SER A 348 -30.06 5.35 -7.75
CA SER A 348 -29.74 6.06 -9.00
C SER A 348 -28.50 6.95 -8.82
N ILE A 349 -28.23 7.42 -7.57
CA ILE A 349 -27.08 8.25 -7.23
C ILE A 349 -26.21 7.54 -6.18
N LEU A 350 -24.88 7.73 -6.27
CA LEU A 350 -23.87 7.25 -5.33
C LEU A 350 -22.91 8.41 -5.04
N ILE A 351 -22.85 8.85 -3.76
CA ILE A 351 -21.99 9.95 -3.28
C ILE A 351 -20.78 9.39 -2.51
N ALA A 352 -19.58 9.91 -2.80
CA ALA A 352 -18.29 9.53 -2.18
C ALA A 352 -17.63 10.76 -1.51
N VAL A 353 -17.09 10.58 -0.27
CA VAL A 353 -16.43 11.67 0.49
C VAL A 353 -14.97 11.31 0.76
N CYS A 354 -14.06 12.31 0.68
CA CYS A 354 -12.62 12.10 0.74
C CYS A 354 -11.86 12.86 1.82
N ASP A 355 -10.58 12.49 2.00
CA ASP A 355 -9.59 13.10 2.89
C ASP A 355 -9.24 14.56 2.57
N ASP A 356 -9.46 14.99 1.31
CA ASP A 356 -9.18 16.35 0.84
C ASP A 356 -10.42 17.28 0.88
N ALA A 357 -11.46 16.89 1.67
CA ALA A 357 -12.74 17.58 1.83
C ALA A 357 -13.61 17.57 0.55
N SER A 358 -13.29 16.68 -0.45
CA SER A 358 -14.05 16.63 -1.71
C SER A 358 -15.24 15.63 -1.70
N ILE A 359 -16.33 16.01 -2.41
CA ILE A 359 -17.56 15.21 -2.55
C ILE A 359 -17.70 14.86 -4.03
N TRP A 360 -17.96 13.58 -4.36
CA TRP A 360 -18.09 13.09 -5.74
C TRP A 360 -19.48 12.47 -6.02
N ARG A 361 -20.16 12.93 -7.08
CA ARG A 361 -21.50 12.44 -7.49
C ARG A 361 -21.43 11.54 -8.72
N TRP A 362 -21.90 10.30 -8.57
CA TRP A 362 -21.98 9.31 -9.66
C TRP A 362 -23.45 8.95 -9.85
N ASP A 363 -23.97 9.08 -11.09
CA ASP A 363 -25.36 8.76 -11.44
C ASP A 363 -25.46 7.56 -12.40
N ARG A 364 -26.49 6.72 -12.23
CA ARG A 364 -26.74 5.53 -13.04
C ARG A 364 -27.59 5.86 -14.26
N SER B 6 -0.21 -5.75 -14.96
CA SER B 6 -1.27 -6.48 -14.25
C SER B 6 -0.69 -7.62 -13.38
N PHE B 7 0.07 -7.23 -12.34
CA PHE B 7 0.70 -8.15 -11.39
C PHE B 7 -0.14 -8.40 -10.15
N LYS B 8 -0.13 -9.65 -9.66
CA LYS B 8 -0.82 -10.07 -8.45
C LYS B 8 0.20 -10.73 -7.51
N CYS B 9 0.13 -10.42 -6.20
CA CYS B 9 1.07 -10.99 -5.23
C CYS B 9 0.63 -12.42 -4.92
N VAL B 10 1.48 -13.37 -5.28
CA VAL B 10 1.21 -14.81 -5.13
C VAL B 10 1.94 -15.45 -3.93
N ASN B 11 3.06 -14.85 -3.45
CA ASN B 11 3.82 -15.41 -2.32
C ASN B 11 4.77 -14.41 -1.68
N SER B 12 5.22 -14.75 -0.45
CA SER B 12 6.18 -14.00 0.36
C SER B 12 6.87 -14.92 1.39
N LEU B 13 8.16 -14.67 1.70
CA LEU B 13 8.94 -15.42 2.69
C LEU B 13 10.00 -14.54 3.35
N LYS B 14 10.39 -14.88 4.59
CA LYS B 14 11.38 -14.17 5.36
C LYS B 14 12.62 -15.02 5.59
N GLU B 15 13.80 -14.42 5.43
CA GLU B 15 15.10 -15.09 5.63
C GLU B 15 15.43 -15.02 7.13
N ASP B 16 15.91 -16.13 7.70
CA ASP B 16 16.17 -16.29 9.15
C ASP B 16 17.17 -15.29 9.77
N HIS B 17 18.11 -14.71 8.98
CA HIS B 17 19.10 -13.76 9.50
C HIS B 17 18.50 -12.42 9.99
N ASN B 18 17.28 -12.06 9.50
CA ASN B 18 16.48 -10.87 9.80
C ASN B 18 17.23 -9.53 9.55
N GLN B 19 18.22 -9.56 8.65
CA GLN B 19 19.03 -8.40 8.25
C GLN B 19 18.55 -7.88 6.90
N PRO B 20 18.77 -6.59 6.55
CA PRO B 20 18.34 -6.11 5.23
C PRO B 20 18.91 -6.88 4.03
N LEU B 21 18.07 -7.05 2.99
CA LEU B 21 18.45 -7.67 1.72
C LEU B 21 18.70 -6.51 0.74
N PHE B 22 19.96 -6.39 0.22
CA PHE B 22 20.39 -5.26 -0.64
C PHE B 22 20.41 -5.54 -2.12
N GLY B 23 20.40 -6.82 -2.47
CA GLY B 23 20.42 -7.22 -3.86
C GLY B 23 19.58 -8.44 -4.18
N VAL B 24 19.01 -8.43 -5.39
CA VAL B 24 18.23 -9.51 -5.99
C VAL B 24 18.48 -9.54 -7.52
N GLN B 25 18.78 -10.73 -8.05
CA GLN B 25 19.04 -10.93 -9.47
C GLN B 25 18.51 -12.28 -9.95
N PHE B 26 17.59 -12.29 -10.93
CA PHE B 26 17.17 -13.51 -11.61
C PHE B 26 18.33 -13.91 -12.55
N ASN B 27 18.52 -15.22 -12.81
CA ASN B 27 19.54 -15.66 -13.76
C ASN B 27 18.87 -15.58 -15.13
N TRP B 28 19.29 -14.62 -15.95
CA TRP B 28 18.72 -14.44 -17.28
C TRP B 28 19.41 -15.34 -18.33
N HIS B 29 20.52 -16.05 -17.96
CA HIS B 29 21.28 -16.99 -18.81
C HIS B 29 20.65 -18.39 -18.94
N SER B 30 19.43 -18.59 -18.39
CA SER B 30 18.68 -19.85 -18.46
C SER B 30 17.82 -19.92 -19.74
N LYS B 31 17.67 -21.13 -20.32
CA LYS B 31 16.85 -21.41 -21.51
C LYS B 31 15.35 -21.49 -21.16
N GLU B 32 14.46 -21.46 -22.19
CA GLU B 32 13.01 -21.55 -21.99
C GLU B 32 12.64 -22.98 -21.59
N GLY B 33 11.89 -23.11 -20.48
CA GLY B 33 11.50 -24.41 -19.92
C GLY B 33 12.48 -24.94 -18.89
N ASP B 34 13.56 -24.19 -18.61
CA ASP B 34 14.59 -24.52 -17.63
C ASP B 34 14.22 -23.89 -16.27
N PRO B 35 14.79 -24.35 -15.11
CA PRO B 35 14.41 -23.75 -13.81
C PRO B 35 14.60 -22.24 -13.67
N LEU B 36 13.55 -21.53 -13.21
CA LEU B 36 13.54 -20.09 -12.98
C LEU B 36 14.19 -19.84 -11.63
N VAL B 37 15.45 -19.35 -11.65
CA VAL B 37 16.28 -19.16 -10.47
C VAL B 37 16.66 -17.69 -10.23
N PHE B 38 16.70 -17.27 -8.94
CA PHE B 38 17.14 -15.93 -8.53
C PHE B 38 17.99 -16.01 -7.27
N ALA B 39 18.91 -15.06 -7.14
CA ALA B 39 19.81 -14.94 -5.99
C ALA B 39 19.45 -13.71 -5.18
N THR B 40 19.55 -13.82 -3.84
CA THR B 40 19.32 -12.71 -2.91
C THR B 40 20.60 -12.54 -2.09
N VAL B 41 21.00 -11.26 -1.79
CA VAL B 41 22.20 -10.96 -0.98
C VAL B 41 21.87 -9.97 0.15
N GLY B 42 22.50 -10.17 1.29
CA GLY B 42 22.34 -9.35 2.48
C GLY B 42 23.02 -10.07 3.62
N SER B 43 23.51 -9.33 4.65
CA SER B 43 24.33 -9.84 5.78
C SER B 43 25.57 -10.52 5.15
N ASN B 44 26.03 -11.67 5.68
CA ASN B 44 27.14 -12.41 5.09
C ASN B 44 26.54 -13.63 4.30
N ARG B 45 25.32 -13.46 3.74
CA ARG B 45 24.54 -14.48 3.03
C ARG B 45 24.32 -14.23 1.55
N VAL B 46 24.35 -15.33 0.77
CA VAL B 46 24.01 -15.46 -0.65
C VAL B 46 23.05 -16.68 -0.66
N THR B 47 21.80 -16.49 -1.12
CA THR B 47 20.74 -17.53 -1.12
C THR B 47 20.09 -17.70 -2.50
N LEU B 48 19.94 -18.95 -2.95
CA LEU B 48 19.35 -19.33 -4.24
C LEU B 48 17.97 -19.88 -4.05
N TYR B 49 17.03 -19.43 -4.91
CA TYR B 49 15.63 -19.84 -4.91
C TYR B 49 15.12 -20.22 -6.31
N GLU B 50 14.25 -21.21 -6.38
CA GLU B 50 13.58 -21.61 -7.62
C GLU B 50 12.12 -21.18 -7.59
N CYS B 51 11.63 -20.59 -8.69
CA CYS B 51 10.24 -20.17 -8.89
C CYS B 51 9.47 -21.28 -9.59
N HIS B 52 8.44 -21.79 -8.92
CA HIS B 52 7.59 -22.85 -9.46
C HIS B 52 6.19 -22.35 -9.78
N SER B 53 5.31 -23.26 -10.24
CA SER B 53 3.91 -22.95 -10.55
C SER B 53 3.14 -22.71 -9.23
N GLN B 54 1.95 -22.07 -9.32
CA GLN B 54 1.06 -21.76 -8.18
C GLN B 54 1.73 -20.85 -7.11
N GLY B 55 2.71 -20.06 -7.54
CA GLY B 55 3.44 -19.12 -6.69
C GLY B 55 4.40 -19.73 -5.69
N GLU B 56 4.77 -21.01 -5.86
CA GLU B 56 5.71 -21.68 -4.95
C GLU B 56 7.15 -21.19 -5.15
N ILE B 57 7.83 -20.84 -4.03
CA ILE B 57 9.23 -20.42 -4.01
C ILE B 57 10.01 -21.47 -3.21
N ARG B 58 10.86 -22.25 -3.90
CA ARG B 58 11.65 -23.33 -3.32
C ARG B 58 13.10 -22.89 -3.08
N LEU B 59 13.58 -23.06 -1.84
CA LEU B 59 14.95 -22.73 -1.44
C LEU B 59 15.93 -23.80 -1.98
N LEU B 60 16.89 -23.38 -2.81
CA LEU B 60 17.88 -24.31 -3.37
C LEU B 60 19.09 -24.44 -2.48
N GLN B 61 19.87 -23.36 -2.32
CA GLN B 61 21.05 -23.37 -1.47
C GLN B 61 21.33 -22.06 -0.80
N SER B 62 22.22 -22.10 0.20
CA SER B 62 22.66 -20.92 0.97
C SER B 62 24.15 -20.98 1.22
N TYR B 63 24.81 -19.87 0.93
CA TYR B 63 26.22 -19.67 1.17
C TYR B 63 26.28 -18.71 2.36
N VAL B 64 27.00 -19.09 3.40
CA VAL B 64 27.21 -18.27 4.58
C VAL B 64 28.69 -18.00 4.57
N ASP B 65 29.09 -16.71 4.44
CA ASP B 65 30.51 -16.35 4.39
C ASP B 65 31.21 -16.65 5.72
N ALA B 66 32.49 -17.09 5.67
CA ALA B 66 33.31 -17.41 6.84
C ALA B 66 33.51 -16.19 7.75
N ASP B 67 33.48 -14.98 7.15
CA ASP B 67 33.59 -13.70 7.85
C ASP B 67 32.17 -13.31 8.25
N ALA B 68 31.93 -13.19 9.56
CA ALA B 68 30.63 -12.84 10.12
C ALA B 68 30.32 -11.35 9.93
N ASP B 69 31.39 -10.53 9.77
CA ASP B 69 31.34 -9.06 9.61
C ASP B 69 31.28 -8.57 8.16
N GLU B 70 31.25 -9.52 7.18
CA GLU B 70 31.10 -9.22 5.76
C GLU B 70 29.62 -8.89 5.52
N ASN B 71 29.37 -7.87 4.68
CA ASN B 71 28.02 -7.41 4.33
C ASN B 71 27.89 -7.30 2.81
N PHE B 72 27.23 -8.28 2.15
CA PHE B 72 27.08 -8.27 0.71
C PHE B 72 26.12 -7.20 0.22
N TYR B 73 26.60 -6.34 -0.70
CA TYR B 73 25.83 -5.20 -1.24
C TYR B 73 25.32 -5.45 -2.67
N THR B 74 25.94 -6.45 -3.39
CA THR B 74 25.69 -6.70 -4.81
C THR B 74 25.98 -8.15 -5.29
N CYS B 75 25.30 -8.53 -6.37
CA CYS B 75 25.51 -9.81 -7.03
C CYS B 75 25.25 -9.70 -8.53
N ALA B 76 25.93 -10.54 -9.33
CA ALA B 76 25.76 -10.59 -10.77
C ALA B 76 25.96 -12.02 -11.29
N TRP B 77 25.12 -12.43 -12.23
CA TRP B 77 25.25 -13.76 -12.82
C TRP B 77 26.14 -13.72 -14.07
N THR B 78 26.81 -14.85 -14.38
CA THR B 78 27.58 -15.11 -15.60
C THR B 78 27.50 -16.61 -15.95
N TYR B 79 28.29 -17.07 -16.90
CA TYR B 79 28.40 -18.48 -17.27
C TYR B 79 29.82 -18.71 -17.73
N ASP B 80 30.28 -19.95 -17.57
CA ASP B 80 31.59 -20.39 -18.02
C ASP B 80 31.49 -20.53 -19.54
N SER B 81 32.30 -19.76 -20.27
CA SER B 81 32.36 -19.72 -21.73
C SER B 81 32.53 -21.10 -22.41
N ASN B 82 33.23 -22.06 -21.73
CA ASN B 82 33.53 -23.41 -22.20
C ASN B 82 32.44 -24.47 -21.93
N THR B 83 31.73 -24.37 -20.81
CA THR B 83 30.72 -25.38 -20.41
C THR B 83 29.28 -24.87 -20.39
N SER B 84 29.09 -23.51 -20.43
CA SER B 84 27.81 -22.77 -20.37
C SER B 84 27.11 -22.89 -19.01
N HIS B 85 27.85 -23.40 -18.00
CA HIS B 85 27.35 -23.57 -16.64
C HIS B 85 27.29 -22.21 -15.91
N PRO B 86 26.19 -21.93 -15.15
CA PRO B 86 26.10 -20.62 -14.47
C PRO B 86 27.10 -20.42 -13.33
N LEU B 87 27.51 -19.16 -13.13
CA LEU B 87 28.42 -18.71 -12.08
C LEU B 87 27.81 -17.44 -11.48
N LEU B 88 28.03 -17.21 -10.17
CA LEU B 88 27.52 -16.00 -9.50
C LEU B 88 28.63 -15.25 -8.77
N ALA B 89 28.76 -13.95 -9.05
CA ALA B 89 29.73 -13.07 -8.42
C ALA B 89 29.04 -12.25 -7.34
N VAL B 90 29.65 -12.15 -6.15
CA VAL B 90 29.14 -11.41 -5.01
C VAL B 90 30.21 -10.50 -4.41
N ALA B 91 29.81 -9.37 -3.78
CA ALA B 91 30.75 -8.45 -3.13
C ALA B 91 30.03 -7.45 -2.21
N GLY B 92 30.78 -6.87 -1.29
CA GLY B 92 30.24 -5.89 -0.36
C GLY B 92 31.28 -5.09 0.37
N SER B 93 31.07 -4.89 1.69
CA SER B 93 31.89 -4.06 2.58
C SER B 93 33.37 -4.45 2.69
N ARG B 94 33.71 -5.75 2.62
CA ARG B 94 35.10 -6.22 2.74
C ARG B 94 35.99 -5.92 1.48
N GLY B 95 35.38 -5.56 0.35
CA GLY B 95 36.11 -5.25 -0.88
C GLY B 95 36.71 -6.44 -1.63
N ILE B 96 36.17 -7.63 -1.36
CA ILE B 96 36.59 -8.89 -1.98
C ILE B 96 35.46 -9.42 -2.92
N ILE B 97 35.84 -9.77 -4.16
CA ILE B 97 34.96 -10.36 -5.16
C ILE B 97 35.07 -11.88 -4.96
N ARG B 98 33.91 -12.56 -4.86
CA ARG B 98 33.85 -14.00 -4.68
C ARG B 98 33.03 -14.59 -5.82
N ILE B 99 33.59 -15.60 -6.48
CA ILE B 99 32.94 -16.32 -7.57
C ILE B 99 32.42 -17.63 -6.98
N ILE B 100 31.09 -17.85 -7.06
CA ILE B 100 30.47 -19.04 -6.50
C ILE B 100 29.89 -19.97 -7.60
N ASN B 101 29.98 -21.29 -7.36
CA ASN B 101 29.41 -22.35 -8.20
C ASN B 101 27.98 -22.55 -7.66
N PRO B 102 26.91 -22.08 -8.37
CA PRO B 102 25.54 -22.21 -7.83
C PRO B 102 25.03 -23.64 -7.59
N ILE B 103 25.71 -24.67 -8.12
CA ILE B 103 25.35 -26.08 -7.97
C ILE B 103 25.75 -26.61 -6.57
N THR B 104 27.00 -26.32 -6.14
CA THR B 104 27.59 -26.77 -4.87
C THR B 104 27.61 -25.69 -3.78
N MET B 105 27.32 -24.42 -4.17
CA MET B 105 27.33 -23.20 -3.33
C MET B 105 28.71 -22.99 -2.68
N GLN B 106 29.76 -23.46 -3.39
CA GLN B 106 31.15 -23.38 -2.98
C GLN B 106 31.90 -22.29 -3.74
N CYS B 107 32.63 -21.48 -2.98
CA CYS B 107 33.41 -20.37 -3.49
C CYS B 107 34.57 -20.87 -4.36
N ILE B 108 34.37 -20.81 -5.70
CA ILE B 108 35.32 -21.20 -6.74
C ILE B 108 36.60 -20.34 -6.70
N LYS B 109 36.44 -19.02 -6.76
CA LYS B 109 37.53 -18.06 -6.82
C LYS B 109 37.24 -16.85 -5.94
N HIS B 110 38.29 -16.15 -5.50
CA HIS B 110 38.15 -14.92 -4.73
C HIS B 110 39.32 -14.04 -4.91
N TYR B 111 39.14 -12.75 -4.73
CA TYR B 111 40.24 -11.83 -4.87
C TYR B 111 39.93 -10.48 -4.34
N VAL B 112 40.92 -9.92 -3.63
CA VAL B 112 40.90 -8.58 -3.07
C VAL B 112 40.74 -7.64 -4.26
N GLY B 113 39.49 -7.27 -4.50
CA GLY B 113 39.07 -6.38 -5.58
C GLY B 113 39.56 -4.96 -5.42
N HIS B 114 39.23 -4.36 -4.28
CA HIS B 114 39.57 -2.97 -3.92
C HIS B 114 39.98 -2.87 -2.43
N GLY B 115 40.62 -1.75 -2.07
CA GLY B 115 40.99 -1.45 -0.69
C GLY B 115 39.85 -0.84 0.11
N ASN B 116 38.61 -0.87 -0.46
CA ASN B 116 37.35 -0.41 0.15
C ASN B 116 36.16 -1.20 -0.37
N ALA B 117 34.92 -0.89 0.10
CA ALA B 117 33.69 -1.60 -0.26
C ALA B 117 33.32 -1.54 -1.73
N ILE B 118 32.75 -2.65 -2.24
CA ILE B 118 32.24 -2.74 -3.62
C ILE B 118 30.74 -2.49 -3.58
N ASN B 119 30.29 -1.46 -4.33
CA ASN B 119 28.89 -1.05 -4.36
C ASN B 119 28.07 -1.75 -5.44
N GLU B 120 28.70 -2.12 -6.56
CA GLU B 120 28.06 -2.81 -7.67
C GLU B 120 29.06 -3.64 -8.49
N LEU B 121 28.56 -4.77 -9.03
CA LEU B 121 29.23 -5.68 -9.93
C LEU B 121 28.36 -5.79 -11.18
N LYS B 122 29.00 -5.75 -12.36
CA LYS B 122 28.33 -5.88 -13.66
C LYS B 122 29.18 -6.69 -14.61
N PHE B 123 28.59 -7.70 -15.25
CA PHE B 123 29.28 -8.51 -16.26
C PHE B 123 29.01 -7.92 -17.63
N HIS B 124 30.03 -7.94 -18.51
CA HIS B 124 29.98 -7.43 -19.88
C HIS B 124 28.91 -8.20 -20.69
N PRO B 125 28.03 -7.50 -21.43
CA PRO B 125 26.94 -8.20 -22.16
C PRO B 125 27.35 -9.15 -23.28
N ARG B 126 28.60 -9.04 -23.79
CA ARG B 126 29.11 -9.84 -24.92
C ARG B 126 30.38 -10.61 -24.61
N ASP B 127 30.89 -10.51 -23.37
CA ASP B 127 32.03 -11.30 -22.89
C ASP B 127 31.76 -11.72 -21.43
N PRO B 128 31.41 -13.02 -21.19
CA PRO B 128 31.08 -13.47 -19.82
C PRO B 128 32.21 -13.38 -18.80
N ASN B 129 33.45 -13.22 -19.26
CA ASN B 129 34.66 -13.19 -18.45
C ASN B 129 35.05 -11.81 -17.96
N LEU B 130 34.45 -10.77 -18.55
CA LEU B 130 34.71 -9.39 -18.22
C LEU B 130 33.80 -8.85 -17.14
N LEU B 131 34.36 -8.65 -15.93
CA LEU B 131 33.62 -8.17 -14.76
C LEU B 131 34.03 -6.78 -14.31
N LEU B 132 33.05 -5.89 -14.15
CA LEU B 132 33.23 -4.51 -13.70
C LEU B 132 32.75 -4.37 -12.24
N SER B 133 33.61 -3.85 -11.36
CA SER B 133 33.33 -3.55 -9.95
C SER B 133 33.43 -2.01 -9.70
N VAL B 134 32.46 -1.41 -8.95
CA VAL B 134 32.47 0.03 -8.60
C VAL B 134 32.71 0.16 -7.10
N SER B 135 33.59 1.09 -6.70
CA SER B 135 33.97 1.13 -5.30
C SER B 135 33.94 2.48 -4.61
N LYS B 136 33.91 2.41 -3.25
CA LYS B 136 34.01 3.56 -2.32
C LYS B 136 35.35 4.27 -2.45
N ASP B 137 36.40 3.56 -2.99
CA ASP B 137 37.78 4.06 -3.22
C ASP B 137 37.88 5.09 -4.37
N HIS B 138 36.73 5.39 -5.06
CA HIS B 138 36.52 6.38 -6.15
C HIS B 138 36.80 5.85 -7.55
N ALA B 139 37.09 4.54 -7.64
CA ALA B 139 37.42 3.94 -8.93
C ALA B 139 36.45 2.84 -9.35
N LEU B 140 36.56 2.44 -10.63
CA LEU B 140 35.94 1.34 -11.35
C LEU B 140 37.11 0.47 -11.81
N ARG B 141 36.95 -0.86 -11.73
CA ARG B 141 37.96 -1.83 -12.19
C ARG B 141 37.36 -2.85 -13.15
N LEU B 142 38.10 -3.22 -14.19
CA LEU B 142 37.67 -4.18 -15.20
C LEU B 142 38.57 -5.42 -15.10
N TRP B 143 37.95 -6.58 -14.82
CA TRP B 143 38.67 -7.83 -14.61
C TRP B 143 38.36 -8.86 -15.66
N ASN B 144 39.36 -9.71 -15.97
CA ASN B 144 39.17 -10.87 -16.84
C ASN B 144 39.18 -12.06 -15.85
N ILE B 145 38.01 -12.66 -15.56
CA ILE B 145 37.91 -13.74 -14.57
C ILE B 145 38.42 -15.10 -15.09
N GLN B 146 38.68 -15.23 -16.42
CA GLN B 146 39.23 -16.47 -16.98
C GLN B 146 40.73 -16.56 -16.73
N THR B 147 41.45 -15.42 -16.91
CA THR B 147 42.91 -15.36 -16.77
C THR B 147 43.36 -14.70 -15.47
N ASP B 148 42.39 -14.22 -14.64
CA ASP B 148 42.62 -13.57 -13.34
C ASP B 148 43.52 -12.33 -13.45
N THR B 149 43.17 -11.45 -14.40
CA THR B 149 43.90 -10.20 -14.68
C THR B 149 43.01 -8.97 -14.53
N LEU B 150 43.63 -7.87 -14.08
CA LEU B 150 43.05 -6.53 -13.98
C LEU B 150 43.35 -5.91 -15.34
N VAL B 151 42.30 -5.73 -16.14
CA VAL B 151 42.41 -5.18 -17.50
C VAL B 151 42.67 -3.69 -17.45
N ALA B 152 41.80 -2.92 -16.79
CA ALA B 152 41.85 -1.47 -16.68
C ALA B 152 41.39 -0.97 -15.32
N ILE B 153 41.81 0.25 -14.98
CA ILE B 153 41.42 0.96 -13.76
C ILE B 153 40.93 2.34 -14.19
N PHE B 154 39.71 2.72 -13.81
CA PHE B 154 39.07 3.97 -14.22
C PHE B 154 39.00 4.97 -13.07
N GLY B 155 39.80 6.03 -13.19
CA GLY B 155 39.88 7.08 -12.19
C GLY B 155 41.14 7.88 -12.30
N GLY B 156 41.25 8.87 -11.44
CA GLY B 156 42.39 9.77 -11.44
C GLY B 156 41.94 11.21 -11.39
N VAL B 157 42.68 12.10 -12.05
CA VAL B 157 42.48 13.55 -12.09
C VAL B 157 41.05 13.93 -12.54
N GLU B 158 40.53 13.25 -13.57
CA GLU B 158 39.21 13.56 -14.07
C GLU B 158 38.19 12.44 -13.81
N GLY B 159 38.51 11.55 -12.88
CA GLY B 159 37.61 10.48 -12.46
C GLY B 159 36.74 10.92 -11.29
N HIS B 160 35.95 10.00 -10.70
CA HIS B 160 35.11 10.33 -9.56
C HIS B 160 35.95 10.89 -8.37
N ARG B 161 35.38 11.84 -7.63
CA ARG B 161 36.03 12.50 -6.49
C ARG B 161 35.49 12.03 -5.14
N ASP B 162 34.47 11.17 -5.20
CA ASP B 162 33.85 10.56 -4.03
C ASP B 162 33.44 9.16 -4.45
N GLU B 163 32.86 8.37 -3.51
CA GLU B 163 32.41 6.98 -3.71
C GLU B 163 31.56 6.79 -4.95
N VAL B 164 31.84 5.72 -5.70
CA VAL B 164 31.08 5.36 -6.92
C VAL B 164 29.98 4.40 -6.42
N LEU B 165 28.69 4.70 -6.81
CA LEU B 165 27.56 3.91 -6.32
C LEU B 165 26.95 2.97 -7.36
N SER B 166 27.08 3.30 -8.66
CA SER B 166 26.49 2.49 -9.73
C SER B 166 27.23 2.69 -11.07
N ALA B 167 27.12 1.69 -11.94
CA ALA B 167 27.65 1.69 -13.33
C ALA B 167 26.85 0.72 -14.20
N ASP B 168 26.86 0.96 -15.52
CA ASP B 168 26.12 0.15 -16.48
C ASP B 168 26.77 0.19 -17.85
N TYR B 169 26.80 -0.97 -18.51
CA TYR B 169 27.30 -1.15 -19.86
C TYR B 169 26.11 -0.84 -20.81
N ASP B 170 26.36 -0.41 -22.05
CA ASP B 170 25.31 -0.21 -23.06
C ASP B 170 24.93 -1.59 -23.64
N LEU B 171 24.03 -1.65 -24.63
CA LEU B 171 23.55 -2.89 -25.25
C LEU B 171 24.68 -3.84 -25.70
N LEU B 172 25.73 -3.32 -26.34
CA LEU B 172 26.82 -4.16 -26.83
C LEU B 172 28.07 -4.19 -25.95
N GLY B 173 28.09 -3.39 -24.89
CA GLY B 173 29.26 -3.31 -24.01
C GLY B 173 30.44 -2.57 -24.63
N GLU B 174 30.14 -1.53 -25.43
CA GLU B 174 31.11 -0.64 -26.08
C GLU B 174 31.46 0.54 -25.15
N LYS B 175 30.54 0.91 -24.24
CA LYS B 175 30.71 2.01 -23.29
C LYS B 175 30.04 1.75 -21.94
N ILE B 176 30.61 2.37 -20.89
CA ILE B 176 30.12 2.32 -19.51
C ILE B 176 29.74 3.75 -19.07
N MET B 177 28.65 3.88 -18.30
CA MET B 177 28.22 5.13 -17.65
C MET B 177 28.27 4.85 -16.15
N SER B 178 29.01 5.67 -15.39
CA SER B 178 29.15 5.52 -13.92
C SER B 178 28.62 6.74 -13.19
N CYS B 179 28.22 6.58 -11.91
CA CYS B 179 27.68 7.68 -11.09
C CYS B 179 28.02 7.50 -9.61
N GLY B 180 27.96 8.56 -8.82
CA GLY B 180 28.31 8.47 -7.40
C GLY B 180 27.93 9.63 -6.50
N MET B 181 28.58 9.70 -5.31
CA MET B 181 28.36 10.73 -4.29
C MET B 181 28.80 12.14 -4.73
N ASP B 182 29.68 12.23 -5.75
CA ASP B 182 30.18 13.51 -6.28
C ASP B 182 29.15 14.24 -7.17
N HIS B 183 27.96 13.62 -7.38
CA HIS B 183 26.78 14.10 -8.16
C HIS B 183 26.96 13.91 -9.65
N SER B 184 28.15 13.52 -10.10
CA SER B 184 28.45 13.39 -11.51
C SER B 184 28.13 12.02 -12.10
N LEU B 185 27.90 12.03 -13.43
CA LEU B 185 27.67 10.88 -14.31
C LEU B 185 28.79 10.96 -15.37
N LYS B 186 29.71 9.96 -15.39
CA LYS B 186 30.88 9.91 -16.30
C LYS B 186 30.80 8.72 -17.27
N LEU B 187 31.13 8.98 -18.54
CA LEU B 187 31.12 8.02 -19.65
C LEU B 187 32.53 7.52 -19.92
N TRP B 188 32.69 6.20 -20.07
CA TRP B 188 33.98 5.57 -20.36
C TRP B 188 33.80 4.63 -21.56
N ARG B 189 34.46 4.96 -22.68
CA ARG B 189 34.43 4.14 -23.92
C ARG B 189 35.44 3.02 -23.81
N ILE B 190 34.98 1.81 -24.07
CA ILE B 190 35.85 0.64 -23.98
C ILE B 190 35.96 -0.08 -25.35
N ASN B 191 35.48 0.58 -26.43
CA ASN B 191 35.64 0.10 -27.80
C ASN B 191 36.78 0.84 -28.55
N SER B 192 37.67 1.53 -27.81
CA SER B 192 38.84 2.21 -28.37
C SER B 192 39.87 1.13 -28.75
N LYS B 193 40.79 1.42 -29.69
CA LYS B 193 41.85 0.49 -30.12
C LYS B 193 42.68 0.04 -28.91
N ARG B 194 42.97 0.99 -27.98
CA ARG B 194 43.68 0.79 -26.72
C ARG B 194 42.95 -0.22 -25.81
N MET B 195 41.62 -0.05 -25.61
CA MET B 195 40.83 -0.95 -24.76
C MET B 195 40.59 -2.32 -25.40
N MET B 196 40.34 -2.36 -26.73
CA MET B 196 40.15 -3.62 -27.47
C MET B 196 41.42 -4.46 -27.45
N ASN B 197 42.58 -3.81 -27.53
CA ASN B 197 43.88 -4.48 -27.49
C ASN B 197 44.22 -4.95 -26.07
N ALA B 198 43.90 -4.14 -25.03
CA ALA B 198 44.11 -4.48 -23.62
C ALA B 198 43.27 -5.74 -23.24
N ILE B 199 42.02 -5.84 -23.75
CA ILE B 199 41.13 -6.99 -23.55
C ILE B 199 41.73 -8.23 -24.21
N LYS B 200 42.17 -8.09 -25.48
CA LYS B 200 42.82 -9.15 -26.27
C LYS B 200 44.09 -9.66 -25.58
N GLU B 201 44.90 -8.73 -25.04
CA GLU B 201 46.15 -9.07 -24.34
C GLU B 201 45.94 -9.74 -22.98
N SER B 202 44.81 -9.46 -22.32
CA SER B 202 44.47 -10.04 -21.02
C SER B 202 44.18 -11.52 -21.14
N TYR B 203 43.81 -11.98 -22.37
CA TYR B 203 43.54 -13.38 -22.71
C TYR B 203 44.82 -14.17 -23.03
N ASP B 204 45.92 -13.46 -23.28
CA ASP B 204 47.23 -14.04 -23.59
C ASP B 204 48.10 -14.06 -22.33
N ARG B 212 58.19 -7.66 -22.50
CA ARG B 212 57.22 -6.78 -21.82
C ARG B 212 56.04 -7.60 -21.25
N PRO B 213 55.76 -7.50 -19.93
CA PRO B 213 54.65 -8.27 -19.34
C PRO B 213 53.31 -7.59 -19.54
N PHE B 214 52.19 -8.17 -19.01
CA PHE B 214 50.88 -7.53 -19.08
C PHE B 214 50.85 -6.34 -18.12
N ILE B 215 50.33 -5.22 -18.60
CA ILE B 215 50.25 -3.99 -17.84
C ILE B 215 48.83 -3.50 -17.97
N SER B 216 48.12 -3.36 -16.83
CA SER B 216 46.73 -2.85 -16.79
C SER B 216 46.67 -1.41 -17.31
N GLN B 217 45.53 -1.03 -17.95
CA GLN B 217 45.34 0.35 -18.45
C GLN B 217 44.93 1.25 -17.33
N LYS B 218 45.65 2.36 -17.17
CA LYS B 218 45.35 3.41 -16.19
C LYS B 218 44.56 4.52 -16.95
N ILE B 219 43.22 4.53 -16.76
CA ILE B 219 42.30 5.47 -17.44
C ILE B 219 41.99 6.65 -16.48
N HIS B 220 42.63 7.81 -16.69
CA HIS B 220 42.47 8.99 -15.82
C HIS B 220 41.43 9.98 -16.33
N PHE B 221 41.05 9.83 -17.60
CA PHE B 221 40.11 10.72 -18.26
C PHE B 221 38.87 10.03 -18.82
N PRO B 222 37.64 10.45 -18.41
CA PRO B 222 36.43 9.88 -19.02
C PRO B 222 36.17 10.47 -20.42
N ASP B 223 35.18 9.92 -21.15
CA ASP B 223 34.82 10.37 -22.50
C ASP B 223 33.66 11.39 -22.54
N PHE B 224 33.10 11.73 -21.37
CA PHE B 224 32.03 12.70 -21.12
C PHE B 224 31.82 12.76 -19.60
N SER B 225 31.42 13.92 -19.06
CA SER B 225 31.15 14.13 -17.64
C SER B 225 30.15 15.26 -17.41
N THR B 226 29.17 15.03 -16.52
CA THR B 226 28.18 16.05 -16.15
C THR B 226 27.86 16.04 -14.66
N ARG B 227 27.50 17.19 -14.10
CA ARG B 227 27.04 17.37 -12.71
C ARG B 227 25.70 18.15 -12.72
N ASP B 228 25.10 18.28 -13.92
CA ASP B 228 23.89 19.07 -14.18
C ASP B 228 22.56 18.30 -14.16
N ILE B 229 22.58 16.96 -13.92
CA ILE B 229 21.35 16.14 -13.91
C ILE B 229 20.71 16.12 -12.52
N HIS B 230 21.48 15.78 -11.48
CA HIS B 230 21.02 15.73 -10.10
C HIS B 230 21.79 16.72 -9.21
N ARG B 231 21.28 17.03 -8.00
CA ARG B 231 21.90 17.95 -7.05
C ARG B 231 22.31 17.26 -5.74
N ASN B 232 22.26 15.91 -5.72
CA ASN B 232 22.62 15.05 -4.60
C ASN B 232 23.26 13.76 -5.14
N TYR B 233 23.49 12.75 -4.26
CA TYR B 233 24.10 11.46 -4.58
C TYR B 233 23.32 10.77 -5.71
N VAL B 234 24.04 10.28 -6.76
CA VAL B 234 23.44 9.53 -7.88
C VAL B 234 23.71 8.08 -7.53
N ASP B 235 22.66 7.33 -7.11
CA ASP B 235 22.79 5.96 -6.60
C ASP B 235 22.32 4.83 -7.56
N CYS B 236 21.86 5.20 -8.77
CA CYS B 236 21.44 4.22 -9.79
C CYS B 236 21.49 4.82 -11.17
N VAL B 237 22.06 4.09 -12.15
CA VAL B 237 22.21 4.51 -13.54
C VAL B 237 22.03 3.29 -14.46
N ARG B 238 21.24 3.47 -15.53
CA ARG B 238 21.00 2.42 -16.51
C ARG B 238 20.85 3.01 -17.91
N TRP B 239 21.41 2.32 -18.93
CA TRP B 239 21.23 2.71 -20.34
C TRP B 239 19.85 2.25 -20.81
N LEU B 240 19.24 3.02 -21.71
CA LEU B 240 17.96 2.75 -22.37
C LEU B 240 18.23 3.17 -23.81
N GLY B 241 18.83 2.26 -24.57
CA GLY B 241 19.31 2.53 -25.91
C GLY B 241 20.50 3.47 -25.78
N ASP B 242 20.46 4.61 -26.50
CA ASP B 242 21.49 5.64 -26.43
C ASP B 242 21.19 6.69 -25.31
N LEU B 243 20.09 6.50 -24.57
CA LEU B 243 19.68 7.40 -23.48
C LEU B 243 20.06 6.84 -22.11
N ILE B 244 20.09 7.72 -21.09
CA ILE B 244 20.43 7.33 -19.72
C ILE B 244 19.25 7.61 -18.80
N LEU B 245 18.99 6.67 -17.90
CA LEU B 245 18.01 6.79 -16.83
C LEU B 245 18.85 6.79 -15.56
N SER B 246 18.72 7.81 -14.74
CA SER B 246 19.46 7.89 -13.48
C SER B 246 18.60 8.53 -12.41
N LYS B 247 18.87 8.17 -11.14
CA LYS B 247 18.10 8.72 -10.01
C LYS B 247 19.02 9.17 -8.88
N SER B 248 18.49 10.09 -8.08
CA SER B 248 19.10 10.61 -6.87
C SER B 248 18.07 10.31 -5.73
N CYS B 249 18.06 11.08 -4.63
CA CYS B 249 17.13 10.90 -3.50
C CYS B 249 15.94 11.90 -3.63
N GLU B 250 15.84 12.60 -4.77
CA GLU B 250 14.92 13.70 -5.03
C GLU B 250 13.53 13.30 -5.63
N ASN B 251 13.08 12.05 -5.35
CA ASN B 251 11.79 11.47 -5.77
C ASN B 251 11.53 11.53 -7.32
N ALA B 252 12.57 11.30 -8.14
CA ALA B 252 12.44 11.25 -9.61
C ALA B 252 13.57 10.49 -10.29
N ILE B 253 13.23 9.74 -11.38
CA ILE B 253 14.16 9.06 -12.29
C ILE B 253 14.21 9.97 -13.53
N VAL B 254 15.40 10.49 -13.86
CA VAL B 254 15.55 11.42 -14.99
C VAL B 254 16.06 10.68 -16.25
N CYS B 255 15.38 10.94 -17.39
CA CYS B 255 15.76 10.44 -18.70
C CYS B 255 16.48 11.59 -19.39
N TRP B 256 17.74 11.37 -19.75
CA TRP B 256 18.55 12.39 -20.38
C TRP B 256 19.52 11.80 -21.39
N LYS B 257 20.30 12.66 -22.04
CA LYS B 257 21.33 12.29 -23.01
C LYS B 257 22.43 13.36 -23.05
N PRO B 258 23.69 12.96 -23.29
CA PRO B 258 24.77 13.97 -23.43
C PRO B 258 24.56 14.78 -24.72
N GLY B 259 25.08 16.02 -24.72
CA GLY B 259 24.96 16.95 -25.85
C GLY B 259 23.56 17.47 -26.10
N LYS B 260 23.36 18.08 -27.28
CA LYS B 260 22.10 18.65 -27.72
C LYS B 260 21.14 17.56 -28.24
N MET B 261 19.88 17.94 -28.53
CA MET B 261 18.81 17.04 -28.99
C MET B 261 19.18 16.13 -30.18
N GLU B 262 19.77 16.71 -31.25
CA GLU B 262 20.16 15.98 -32.46
C GLU B 262 21.55 15.33 -32.41
N ASP B 263 22.30 15.51 -31.31
CA ASP B 263 23.67 14.98 -31.16
C ASP B 263 23.74 13.45 -30.92
N ASP B 264 24.50 12.75 -31.78
CA ASP B 264 24.71 11.30 -31.69
C ASP B 264 25.69 11.02 -30.58
N ILE B 265 25.44 9.96 -29.80
CA ILE B 265 26.26 9.54 -28.67
C ILE B 265 27.73 9.24 -29.08
N ASP B 266 27.93 8.61 -30.25
CA ASP B 266 29.26 8.24 -30.74
C ASP B 266 30.02 9.41 -31.39
N LYS B 267 29.36 10.58 -31.52
CA LYS B 267 29.94 11.82 -32.03
C LYS B 267 30.30 12.81 -30.89
N ILE B 268 29.80 12.55 -29.65
CA ILE B 268 30.08 13.33 -28.43
C ILE B 268 31.59 13.34 -28.12
N LYS B 269 32.17 14.54 -27.96
CA LYS B 269 33.57 14.78 -27.62
C LYS B 269 33.73 14.85 -26.07
N PRO B 270 34.93 14.56 -25.49
CA PRO B 270 35.07 14.63 -24.01
C PRO B 270 34.85 16.02 -23.38
N SER B 271 34.89 17.09 -24.21
CA SER B 271 34.74 18.49 -23.82
C SER B 271 33.28 18.99 -23.86
N GLU B 272 32.32 18.10 -24.21
CA GLU B 272 30.88 18.39 -24.30
C GLU B 272 30.31 18.94 -22.98
N SER B 273 29.88 20.21 -23.01
CA SER B 273 29.33 20.98 -21.88
C SER B 273 27.80 20.93 -21.74
N ASN B 274 27.10 20.43 -22.77
CA ASN B 274 25.64 20.36 -22.79
C ASN B 274 25.06 18.97 -22.50
N VAL B 275 23.84 18.96 -21.93
CA VAL B 275 23.01 17.78 -21.65
C VAL B 275 21.57 18.13 -22.09
N THR B 276 20.75 17.11 -22.41
CA THR B 276 19.35 17.32 -22.80
C THR B 276 18.46 16.44 -21.91
N ILE B 277 17.54 17.06 -21.13
CA ILE B 277 16.60 16.31 -20.29
C ILE B 277 15.44 15.95 -21.18
N LEU B 278 15.14 14.66 -21.31
CA LEU B 278 14.07 14.20 -22.18
C LEU B 278 12.74 13.97 -21.44
N GLY B 279 12.79 13.97 -20.10
CA GLY B 279 11.64 13.82 -19.23
C GLY B 279 12.00 13.17 -17.90
N ARG B 280 11.01 12.99 -17.01
CA ARG B 280 11.24 12.36 -15.70
C ARG B 280 10.06 11.51 -15.20
N PHE B 281 10.39 10.48 -14.40
CA PHE B 281 9.49 9.52 -13.78
C PHE B 281 9.35 9.92 -12.32
N ASP B 282 8.26 10.62 -11.98
CA ASP B 282 7.97 11.13 -10.63
C ASP B 282 7.27 10.11 -9.73
N TYR B 283 7.59 10.14 -8.42
CA TYR B 283 7.05 9.25 -7.39
C TYR B 283 7.15 9.87 -5.97
N SER B 284 6.81 9.09 -4.93
CA SER B 284 6.80 9.53 -3.53
C SER B 284 7.52 8.53 -2.61
N GLN B 285 7.87 9.01 -1.40
CA GLN B 285 8.45 8.26 -0.29
C GLN B 285 9.62 7.35 -0.67
N CYS B 286 10.58 7.88 -1.42
CA CYS B 286 11.83 7.20 -1.82
C CYS B 286 12.94 8.28 -1.82
N ASP B 287 13.04 8.97 -0.66
CA ASP B 287 13.97 10.07 -0.37
C ASP B 287 15.16 9.64 0.51
N ILE B 288 15.42 8.34 0.57
CA ILE B 288 16.54 7.78 1.32
C ILE B 288 17.63 7.31 0.36
N TRP B 289 18.88 7.24 0.83
CA TRP B 289 19.99 6.76 0.01
C TRP B 289 19.92 5.24 -0.14
N TYR B 290 20.55 4.71 -1.21
CA TYR B 290 20.69 3.30 -1.55
C TYR B 290 19.35 2.58 -1.88
N MET B 291 18.74 2.96 -3.03
CA MET B 291 17.48 2.36 -3.53
C MET B 291 17.61 2.24 -5.04
N ARG B 292 17.54 1.02 -5.54
CA ARG B 292 17.71 0.76 -6.98
C ARG B 292 16.44 0.65 -7.78
N PHE B 293 16.52 1.07 -9.05
CA PHE B 293 15.47 0.86 -10.04
C PHE B 293 15.95 -0.29 -10.94
N SER B 294 15.01 -0.97 -11.61
CA SER B 294 15.31 -2.10 -12.49
C SER B 294 14.43 -2.07 -13.70
N MET B 295 14.89 -2.74 -14.76
CA MET B 295 14.16 -2.92 -16.01
C MET B 295 14.18 -4.40 -16.36
N ASP B 296 13.27 -4.79 -17.23
CA ASP B 296 13.16 -6.15 -17.71
C ASP B 296 14.14 -6.31 -18.88
N PHE B 297 14.42 -7.57 -19.28
CA PHE B 297 15.36 -7.90 -20.34
C PHE B 297 15.13 -7.10 -21.65
N TRP B 298 13.86 -6.96 -22.05
CA TRP B 298 13.43 -6.29 -23.29
C TRP B 298 13.29 -4.76 -23.17
N GLN B 299 13.46 -4.20 -21.94
CA GLN B 299 13.33 -2.76 -21.60
C GLN B 299 11.94 -2.16 -21.92
N LYS B 300 10.90 -3.00 -21.77
CA LYS B 300 9.51 -2.65 -22.00
C LYS B 300 8.85 -2.21 -20.68
N MET B 301 9.48 -2.51 -19.53
CA MET B 301 8.98 -2.16 -18.18
C MET B 301 10.09 -1.63 -17.27
N LEU B 302 9.73 -0.75 -16.33
CA LEU B 302 10.62 -0.13 -15.35
C LEU B 302 9.98 -0.27 -13.96
N ALA B 303 10.74 -0.73 -12.96
CA ALA B 303 10.28 -0.95 -11.59
C ALA B 303 11.16 -0.25 -10.52
N LEU B 304 10.51 0.30 -9.47
CA LEU B 304 11.19 0.93 -8.34
C LEU B 304 10.39 0.80 -7.06
N GLY B 305 11.03 0.26 -6.03
CA GLY B 305 10.42 0.15 -4.71
C GLY B 305 10.67 1.41 -3.90
N ASN B 306 9.73 1.77 -2.99
CA ASN B 306 9.85 2.93 -2.10
C ASN B 306 10.16 2.48 -0.64
N GLN B 307 10.43 3.43 0.26
CA GLN B 307 10.81 3.19 1.66
C GLN B 307 9.68 2.69 2.60
N VAL B 308 8.43 2.59 2.12
CA VAL B 308 7.32 2.08 2.95
C VAL B 308 6.66 0.79 2.35
N GLY B 309 7.37 0.10 1.45
CA GLY B 309 6.94 -1.17 0.85
C GLY B 309 6.09 -1.14 -0.40
N LYS B 310 5.97 0.02 -1.06
CA LYS B 310 5.18 0.13 -2.29
C LYS B 310 6.10 -0.02 -3.51
N LEU B 311 5.60 -0.72 -4.54
CA LEU B 311 6.32 -1.01 -5.77
C LEU B 311 5.67 -0.28 -6.93
N TYR B 312 6.44 0.58 -7.60
CA TYR B 312 5.99 1.34 -8.77
C TYR B 312 6.45 0.60 -10.02
N VAL B 313 5.58 0.49 -11.02
CA VAL B 313 5.86 -0.17 -12.29
C VAL B 313 5.32 0.71 -13.44
N TRP B 314 6.20 1.07 -14.38
CA TRP B 314 5.89 1.89 -15.54
C TRP B 314 6.06 1.06 -16.82
N ASP B 315 5.16 1.27 -17.80
CA ASP B 315 5.23 0.64 -19.12
C ASP B 315 5.94 1.65 -20.07
N LEU B 316 7.18 1.30 -20.50
CA LEU B 316 8.00 2.14 -21.38
C LEU B 316 7.57 2.07 -22.87
N GLU B 317 6.52 1.28 -23.19
CA GLU B 317 6.02 1.14 -24.57
C GLU B 317 5.18 2.34 -25.03
N CYS B 326 2.20 4.64 -14.72
CA CYS B 326 2.55 4.15 -13.39
C CYS B 326 1.43 3.30 -12.79
N THR B 327 1.82 2.21 -12.13
CA THR B 327 0.94 1.25 -11.44
C THR B 327 1.59 0.95 -10.09
N THR B 328 0.82 1.07 -8.99
CA THR B 328 1.34 0.80 -7.65
C THR B 328 0.90 -0.60 -7.21
N LEU B 329 1.85 -1.41 -6.75
CA LEU B 329 1.68 -2.78 -6.26
C LEU B 329 1.93 -2.74 -4.74
N THR B 330 0.90 -3.03 -3.95
CA THR B 330 0.93 -2.98 -2.48
C THR B 330 0.31 -4.23 -1.85
N HIS B 331 0.82 -4.61 -0.67
CA HIS B 331 0.31 -5.71 0.15
C HIS B 331 0.31 -5.20 1.59
N HIS B 332 -0.75 -5.48 2.33
CA HIS B 332 -0.94 -5.02 3.72
C HIS B 332 0.16 -5.53 4.70
N LYS B 333 0.90 -6.59 4.33
CA LYS B 333 1.97 -7.16 5.16
C LYS B 333 3.37 -6.66 4.70
N CYS B 334 3.40 -5.90 3.58
CA CYS B 334 4.62 -5.34 3.05
C CYS B 334 4.75 -3.84 3.42
N GLY B 335 5.51 -3.57 4.49
CA GLY B 335 5.75 -2.22 5.00
C GLY B 335 7.18 -1.72 5.03
N ALA B 336 8.17 -2.62 4.81
CA ALA B 336 9.62 -2.31 4.81
C ALA B 336 10.13 -1.81 3.45
N ALA B 337 11.26 -1.04 3.44
CA ALA B 337 11.88 -0.47 2.23
C ALA B 337 12.32 -1.53 1.25
N ILE B 338 11.97 -1.37 -0.03
CA ILE B 338 12.35 -2.27 -1.12
C ILE B 338 13.63 -1.74 -1.75
N ARG B 339 14.78 -2.38 -1.42
CA ARG B 339 16.13 -1.98 -1.85
C ARG B 339 16.44 -2.26 -3.32
N GLN B 340 15.88 -3.35 -3.89
CA GLN B 340 16.04 -3.76 -5.28
C GLN B 340 14.91 -4.72 -5.70
N THR B 341 14.68 -4.79 -7.01
CA THR B 341 13.69 -5.63 -7.69
C THR B 341 14.34 -6.38 -8.88
N SER B 342 13.79 -7.55 -9.22
CA SER B 342 14.25 -8.30 -10.38
C SER B 342 13.09 -8.94 -11.12
N PHE B 343 13.08 -8.71 -12.43
CA PHE B 343 12.14 -9.30 -13.37
C PHE B 343 12.71 -10.63 -13.86
N SER B 344 11.85 -11.60 -14.12
CA SER B 344 12.25 -12.86 -14.72
C SER B 344 12.52 -12.52 -16.20
N ARG B 345 13.29 -13.37 -16.90
CA ARG B 345 13.65 -13.13 -18.32
C ARG B 345 12.43 -12.85 -19.23
N ASP B 346 11.31 -13.55 -18.99
CA ASP B 346 10.08 -13.38 -19.77
C ASP B 346 9.13 -12.29 -19.22
N SER B 347 9.50 -11.63 -18.08
CA SER B 347 8.76 -10.57 -17.36
C SER B 347 7.42 -11.03 -16.75
N SER B 348 7.23 -12.35 -16.59
CA SER B 348 6.02 -12.90 -15.99
C SER B 348 6.05 -12.80 -14.46
N ILE B 349 7.27 -12.79 -13.87
CA ILE B 349 7.49 -12.68 -12.42
C ILE B 349 8.35 -11.45 -12.12
N LEU B 350 8.05 -10.79 -10.97
CA LEU B 350 8.79 -9.66 -10.43
C LEU B 350 9.01 -9.92 -8.94
N ILE B 351 10.29 -10.03 -8.53
CA ILE B 351 10.71 -10.27 -7.13
C ILE B 351 11.23 -8.95 -6.48
N ALA B 352 10.77 -8.66 -5.25
CA ALA B 352 11.15 -7.49 -4.45
C ALA B 352 11.82 -7.93 -3.13
N VAL B 353 12.93 -7.26 -2.73
CA VAL B 353 13.65 -7.60 -1.48
C VAL B 353 13.66 -6.38 -0.54
N CYS B 354 13.54 -6.63 0.78
CA CYS B 354 13.34 -5.57 1.77
C CYS B 354 14.36 -5.53 2.91
N ASP B 355 14.29 -4.43 3.70
CA ASP B 355 15.07 -4.17 4.91
C ASP B 355 14.80 -5.15 6.06
N ASP B 356 13.64 -5.83 6.05
CA ASP B 356 13.22 -6.79 7.09
C ASP B 356 13.51 -8.24 6.72
N ALA B 357 14.43 -8.46 5.74
CA ALA B 357 14.84 -9.76 5.19
C ALA B 357 13.72 -10.47 4.40
N SER B 358 12.62 -9.76 4.03
CA SER B 358 11.49 -10.36 3.30
C SER B 358 11.62 -10.31 1.77
N ILE B 359 11.12 -11.37 1.10
CA ILE B 359 11.11 -11.54 -0.36
C ILE B 359 9.65 -11.57 -0.81
N TRP B 360 9.28 -10.80 -1.85
CA TRP B 360 7.91 -10.72 -2.36
C TRP B 360 7.81 -11.12 -3.83
N ARG B 361 6.90 -12.08 -4.15
CA ARG B 361 6.67 -12.59 -5.50
C ARG B 361 5.38 -12.04 -6.12
N TRP B 362 5.50 -11.36 -7.26
CA TRP B 362 4.38 -10.79 -8.01
C TRP B 362 4.39 -11.44 -9.39
N ASP B 363 3.25 -12.06 -9.80
CA ASP B 363 3.11 -12.72 -11.11
C ASP B 363 2.09 -11.99 -12.01
N ARG B 364 2.35 -11.95 -13.32
CA ARG B 364 1.51 -11.30 -14.32
C ARG B 364 0.49 -12.28 -14.89
#